data_1ZVS
#
_entry.id   1ZVS
#
_cell.length_a   182.142
_cell.length_b   182.142
_cell.length_c   156.693
_cell.angle_alpha   90.00
_cell.angle_beta   90.00
_cell.angle_gamma   90.00
#
_symmetry.space_group_name_H-M   'I 4 2 2'
#
loop_
_entity.id
_entity.type
_entity.pdbx_description
1 polymer 'MHC class I antigen'
2 polymer Beta-2-microglobulin
3 polymer Tat-Tl8
4 water water
#
loop_
_entity_poly.entity_id
_entity_poly.type
_entity_poly.pdbx_seq_one_letter_code
_entity_poly.pdbx_strand_id
1 'polypeptide(L)'
;GSHSMKYFYTSMSRPGRGQPRFIAVGYVDDTQFVRFDSDAASQRMEPRAPWVEQEGPEYWDRETRNMKTETQNAPVNLRT
LLRYYNQSEAGSHTLQRMVGCDLGPDGRLLRGYEQYAYDGKDYIALNEDLRSWTAADVAAQNTQRKWEAADVAESMRAYL
EGQCVEWLPRYLEKGKETLQRTDPPKTHVTHHPVSDHEATLRCWALGFYPAEITLTWQRDGEDQTQDTELVETRPAGDGT
FQKWAAVVVPSGEEQRYTCHVQHEGLPKPHTLKWEPHH
;
A,D
2 'polypeptide(L)'
;IQRTPKIQVYSRHPAENGKSNFLNCYVSGFHPSDIEVDLLKNGERIEKVEHSDLSFSKDWSFYLLYYTEFTPTEKDEYAC
RVNHVTLSQPKIVKWDRDM
;
B,E
3 'polypeptide(L)' TTPESANL C,F
#
# COMPACT_ATOMS: atom_id res chain seq x y z
N GLY A 1 -16.38 -16.45 -3.94
CA GLY A 1 -15.58 -17.64 -3.51
C GLY A 1 -16.30 -18.43 -2.44
N SER A 2 -15.58 -18.83 -1.40
CA SER A 2 -16.17 -19.59 -0.31
C SER A 2 -16.07 -18.80 1.00
N HIS A 3 -17.19 -18.70 1.72
CA HIS A 3 -17.28 -17.94 2.97
C HIS A 3 -17.57 -18.80 4.19
N SER A 4 -17.81 -18.15 5.32
CA SER A 4 -18.08 -18.89 6.53
C SER A 4 -18.79 -18.02 7.54
N MET A 5 -19.70 -18.63 8.29
CA MET A 5 -20.43 -17.94 9.33
C MET A 5 -20.04 -18.60 10.63
N LYS A 6 -19.61 -17.79 11.59
CA LYS A 6 -19.18 -18.35 12.86
C LYS A 6 -19.63 -17.54 14.06
N TYR A 7 -20.01 -18.26 15.10
CA TYR A 7 -20.45 -17.65 16.33
C TYR A 7 -19.44 -18.10 17.39
N PHE A 8 -19.18 -17.24 18.37
CA PHE A 8 -18.24 -17.57 19.43
C PHE A 8 -18.87 -17.19 20.77
N TYR A 9 -19.23 -18.18 21.57
CA TYR A 9 -19.81 -17.88 22.88
C TYR A 9 -18.75 -18.04 23.96
N THR A 10 -18.87 -17.24 25.01
CA THR A 10 -17.94 -17.36 26.13
C THR A 10 -18.76 -17.23 27.41
N SER A 11 -18.71 -18.27 28.25
CA SER A 11 -19.43 -18.27 29.52
C SER A 11 -18.37 -18.21 30.62
N MET A 12 -18.52 -17.28 31.55
CA MET A 12 -17.53 -17.18 32.61
C MET A 12 -18.16 -17.11 33.99
N SER A 13 -17.72 -17.96 34.88
CA SER A 13 -18.24 -17.92 36.22
C SER A 13 -17.28 -16.99 36.91
N ARG A 14 -17.77 -16.25 37.90
CA ARG A 14 -16.97 -15.30 38.67
C ARG A 14 -17.45 -15.31 40.10
N PRO A 15 -16.98 -16.28 40.89
CA PRO A 15 -17.36 -16.44 42.30
C PRO A 15 -17.28 -15.13 43.08
N GLY A 16 -18.37 -14.77 43.74
CA GLY A 16 -18.38 -13.55 44.53
C GLY A 16 -18.25 -12.26 43.72
N ARG A 17 -18.73 -12.30 42.49
CA ARG A 17 -18.71 -11.13 41.61
C ARG A 17 -20.07 -11.16 40.94
N GLY A 18 -20.91 -12.09 41.38
CA GLY A 18 -22.23 -12.24 40.82
C GLY A 18 -22.31 -13.44 39.90
N GLN A 19 -23.51 -13.77 39.45
CA GLN A 19 -23.74 -14.91 38.57
C GLN A 19 -22.96 -14.84 37.26
N PRO A 20 -22.58 -16.01 36.71
CA PRO A 20 -21.83 -16.16 35.46
C PRO A 20 -22.15 -15.10 34.42
N ARG A 21 -21.20 -14.86 33.54
CA ARG A 21 -21.34 -13.90 32.48
C ARG A 21 -21.27 -14.58 31.12
N PHE A 22 -22.23 -14.25 30.25
CA PHE A 22 -22.29 -14.83 28.91
C PHE A 22 -22.06 -13.77 27.83
N ILE A 23 -21.15 -14.06 26.90
CA ILE A 23 -20.85 -13.13 25.81
C ILE A 23 -20.92 -13.87 24.50
N ALA A 24 -21.50 -13.24 23.50
CA ALA A 24 -21.61 -13.86 22.20
C ALA A 24 -21.26 -12.85 21.12
N VAL A 25 -20.53 -13.34 20.13
CA VAL A 25 -20.10 -12.53 19.00
C VAL A 25 -20.27 -13.39 17.76
N GLY A 26 -20.70 -12.78 16.66
CA GLY A 26 -20.86 -13.54 15.43
C GLY A 26 -20.11 -12.92 14.25
N TYR A 27 -19.64 -13.76 13.32
CA TYR A 27 -18.89 -13.27 12.15
C TYR A 27 -19.24 -13.93 10.84
N VAL A 28 -19.13 -13.13 9.78
CA VAL A 28 -19.33 -13.60 8.42
C VAL A 28 -17.96 -13.39 7.80
N ASP A 29 -17.15 -14.43 7.83
CA ASP A 29 -15.80 -14.35 7.34
C ASP A 29 -15.01 -13.53 8.37
N ASP A 30 -14.38 -12.44 7.95
CA ASP A 30 -13.62 -11.66 8.90
C ASP A 30 -14.38 -10.42 9.33
N THR A 31 -15.70 -10.55 9.37
CA THR A 31 -16.55 -9.44 9.76
C THR A 31 -17.54 -9.81 10.86
N GLN A 32 -17.46 -9.12 11.99
CA GLN A 32 -18.38 -9.37 13.07
C GLN A 32 -19.69 -8.67 12.67
N PHE A 33 -20.83 -9.32 12.88
CA PHE A 33 -22.09 -8.69 12.52
C PHE A 33 -23.06 -8.52 13.69
N VAL A 34 -22.91 -9.33 14.73
CA VAL A 34 -23.76 -9.20 15.92
C VAL A 34 -22.96 -9.41 17.19
N ARG A 35 -23.54 -8.98 18.30
CA ARG A 35 -22.86 -9.10 19.58
C ARG A 35 -23.86 -9.12 20.73
N PHE A 36 -23.48 -9.76 21.82
CA PHE A 36 -24.32 -9.83 23.01
C PHE A 36 -23.48 -9.95 24.28
N ASP A 37 -23.86 -9.21 25.32
CA ASP A 37 -23.16 -9.24 26.60
C ASP A 37 -24.19 -9.28 27.71
N SER A 38 -24.19 -10.33 28.52
CA SER A 38 -25.16 -10.43 29.61
C SER A 38 -24.96 -9.33 30.66
N ASP A 39 -23.89 -8.55 30.52
CA ASP A 39 -23.61 -7.46 31.45
C ASP A 39 -24.10 -6.12 30.89
N ALA A 40 -24.09 -5.99 29.57
CA ALA A 40 -24.52 -4.76 28.92
C ALA A 40 -25.91 -4.38 29.35
N ALA A 41 -26.22 -3.09 29.18
CA ALA A 41 -27.53 -2.53 29.54
C ALA A 41 -28.66 -3.22 28.77
N SER A 42 -28.57 -3.14 27.44
CA SER A 42 -29.54 -3.73 26.53
C SER A 42 -30.22 -5.01 27.00
N GLN A 43 -29.52 -6.12 26.84
CA GLN A 43 -30.01 -7.46 27.17
C GLN A 43 -30.64 -8.01 25.90
N ARG A 44 -30.09 -7.59 24.77
CA ARG A 44 -30.57 -8.02 23.46
C ARG A 44 -29.39 -8.20 22.53
N MET A 45 -29.57 -9.02 21.51
CA MET A 45 -28.52 -9.21 20.53
C MET A 45 -28.42 -7.83 19.89
N GLU A 46 -27.22 -7.35 19.59
CA GLU A 46 -27.11 -6.03 18.97
C GLU A 46 -26.41 -6.14 17.63
N PRO A 47 -26.75 -5.24 16.71
CA PRO A 47 -26.11 -5.28 15.39
C PRO A 47 -24.73 -4.64 15.50
N ARG A 48 -23.74 -5.22 14.82
CA ARG A 48 -22.40 -4.64 14.86
C ARG A 48 -21.91 -4.48 13.44
N ALA A 49 -22.84 -4.57 12.50
CA ALA A 49 -22.56 -4.42 11.08
C ALA A 49 -23.82 -3.76 10.51
N PRO A 50 -23.65 -2.78 9.63
CA PRO A 50 -24.81 -2.11 9.04
C PRO A 50 -25.78 -3.04 8.34
N TRP A 51 -25.29 -3.78 7.35
CA TRP A 51 -26.13 -4.69 6.59
C TRP A 51 -26.98 -5.69 7.37
N VAL A 52 -26.96 -5.63 8.70
CA VAL A 52 -27.79 -6.56 9.46
C VAL A 52 -29.05 -5.87 9.93
N GLU A 53 -28.87 -4.63 10.40
CA GLU A 53 -29.95 -3.80 10.91
C GLU A 53 -31.24 -3.86 10.10
N GLN A 54 -31.11 -4.17 8.81
CA GLN A 54 -32.30 -4.22 7.96
C GLN A 54 -33.16 -5.46 8.14
N GLU A 55 -32.83 -6.29 9.13
CA GLU A 55 -33.64 -7.47 9.37
C GLU A 55 -34.85 -6.91 10.09
N GLY A 56 -35.90 -7.71 10.26
CA GLY A 56 -37.08 -7.20 10.94
C GLY A 56 -36.98 -7.35 12.45
N PRO A 57 -37.90 -6.74 13.21
CA PRO A 57 -37.84 -6.87 14.66
C PRO A 57 -38.00 -8.36 15.04
N GLU A 58 -38.79 -9.05 14.21
CA GLU A 58 -39.03 -10.47 14.40
C GLU A 58 -37.67 -11.16 14.57
N TYR A 59 -36.76 -10.88 13.65
CA TYR A 59 -35.42 -11.45 13.68
C TYR A 59 -34.65 -11.24 14.98
N TRP A 60 -34.60 -9.99 15.44
CA TRP A 60 -33.86 -9.66 16.67
C TRP A 60 -34.45 -10.21 17.95
N ASP A 61 -35.77 -10.26 18.02
CA ASP A 61 -36.37 -10.80 19.23
C ASP A 61 -35.97 -12.26 19.35
N ARG A 62 -36.01 -12.98 18.23
CA ARG A 62 -35.63 -14.40 18.16
C ARG A 62 -34.23 -14.58 18.72
N GLU A 63 -33.27 -13.86 18.11
CA GLU A 63 -31.87 -13.90 18.55
C GLU A 63 -31.75 -13.54 20.03
N THR A 64 -32.38 -12.44 20.44
CA THR A 64 -32.29 -12.05 21.84
C THR A 64 -32.83 -13.10 22.79
N ARG A 65 -33.94 -13.75 22.43
CA ARG A 65 -34.49 -14.76 23.30
C ARG A 65 -33.42 -15.84 23.46
N ASN A 66 -32.76 -16.17 22.35
CA ASN A 66 -31.71 -17.16 22.36
C ASN A 66 -30.61 -16.80 23.34
N MET A 67 -30.00 -15.63 23.13
CA MET A 67 -28.92 -15.17 23.97
C MET A 67 -29.33 -15.12 25.43
N LYS A 68 -30.62 -14.90 25.66
CA LYS A 68 -31.12 -14.87 27.02
C LYS A 68 -31.12 -16.31 27.54
N THR A 69 -31.51 -17.22 26.67
CA THR A 69 -31.53 -18.63 27.01
C THR A 69 -30.10 -19.06 27.34
N GLU A 70 -29.15 -18.68 26.48
CA GLU A 70 -27.75 -19.02 26.69
C GLU A 70 -27.30 -18.48 28.03
N THR A 71 -27.72 -17.26 28.32
CA THR A 71 -27.39 -16.64 29.58
C THR A 71 -27.92 -17.51 30.70
N GLN A 72 -29.14 -18.02 30.54
CA GLN A 72 -29.71 -18.87 31.58
C GLN A 72 -28.94 -20.16 31.81
N ASN A 73 -28.65 -20.91 30.74
CA ASN A 73 -27.93 -22.17 30.87
C ASN A 73 -26.53 -22.01 31.45
N ALA A 74 -25.86 -20.93 31.05
CA ALA A 74 -24.51 -20.65 31.48
C ALA A 74 -24.15 -21.18 32.89
N PRO A 75 -24.78 -20.67 33.95
CA PRO A 75 -24.49 -21.13 35.31
C PRO A 75 -24.78 -22.61 35.55
N VAL A 76 -25.54 -23.24 34.65
CA VAL A 76 -25.87 -24.64 34.80
C VAL A 76 -24.73 -25.49 34.25
N ASN A 77 -24.33 -25.21 33.01
CA ASN A 77 -23.24 -25.96 32.39
C ASN A 77 -21.96 -25.78 33.20
N LEU A 78 -21.74 -24.57 33.67
CA LEU A 78 -20.55 -24.29 34.46
C LEU A 78 -20.56 -25.10 35.74
N ARG A 79 -21.74 -25.34 36.29
CA ARG A 79 -21.87 -26.13 37.51
C ARG A 79 -21.62 -27.59 37.17
N THR A 80 -22.17 -28.01 36.04
CA THR A 80 -22.03 -29.37 35.56
C THR A 80 -20.56 -29.65 35.33
N LEU A 81 -19.90 -28.78 34.58
CA LEU A 81 -18.47 -28.95 34.33
C LEU A 81 -17.74 -29.04 35.67
N LEU A 82 -18.21 -28.30 36.64
CA LEU A 82 -17.60 -28.33 37.95
C LEU A 82 -17.73 -29.75 38.51
N ARG A 83 -18.90 -30.36 38.30
CA ARG A 83 -19.12 -31.73 38.78
C ARG A 83 -18.26 -32.69 38.01
N TYR A 84 -18.40 -32.64 36.69
CA TYR A 84 -17.65 -33.49 35.77
C TYR A 84 -16.15 -33.58 36.04
N TYR A 85 -15.56 -32.49 36.52
CA TYR A 85 -14.13 -32.47 36.80
C TYR A 85 -13.78 -32.54 38.27
N ASN A 86 -14.79 -32.67 39.14
CA ASN A 86 -14.56 -32.79 40.58
C ASN A 86 -13.86 -31.57 41.20
N GLN A 87 -14.19 -30.38 40.74
CA GLN A 87 -13.56 -29.17 41.27
C GLN A 87 -14.48 -28.48 42.27
N SER A 88 -13.91 -27.64 43.13
CA SER A 88 -14.69 -26.91 44.12
C SER A 88 -15.22 -25.62 43.51
N GLU A 89 -15.98 -24.85 44.29
CA GLU A 89 -16.53 -23.58 43.80
C GLU A 89 -15.51 -22.44 43.69
N ALA A 90 -14.76 -22.22 44.76
CA ALA A 90 -13.75 -21.16 44.85
C ALA A 90 -13.20 -20.61 43.55
N GLY A 91 -12.73 -21.50 42.68
CA GLY A 91 -12.15 -21.07 41.41
C GLY A 91 -13.06 -20.39 40.42
N SER A 92 -12.44 -19.75 39.42
CA SER A 92 -13.13 -19.04 38.36
C SER A 92 -12.92 -19.81 37.04
N HIS A 93 -14.01 -20.15 36.35
CA HIS A 93 -13.88 -20.94 35.12
C HIS A 93 -14.49 -20.37 33.85
N THR A 94 -14.10 -20.97 32.72
CA THR A 94 -14.56 -20.54 31.41
C THR A 94 -15.03 -21.68 30.54
N LEU A 95 -16.21 -21.53 29.95
CA LEU A 95 -16.77 -22.52 29.04
C LEU A 95 -16.95 -21.82 27.71
N GLN A 96 -16.25 -22.32 26.69
CA GLN A 96 -16.31 -21.72 25.37
C GLN A 96 -16.98 -22.63 24.36
N ARG A 97 -17.73 -22.01 23.44
CA ARG A 97 -18.41 -22.72 22.35
C ARG A 97 -18.15 -22.00 21.02
N MET A 98 -18.05 -22.79 19.96
CA MET A 98 -17.83 -22.24 18.64
C MET A 98 -18.65 -23.09 17.67
N VAL A 99 -19.70 -22.50 17.11
CA VAL A 99 -20.56 -23.18 16.15
C VAL A 99 -20.52 -22.36 14.89
N GLY A 100 -20.51 -23.03 13.75
CA GLY A 100 -20.47 -22.32 12.49
C GLY A 100 -20.46 -23.30 11.34
N CYS A 101 -20.38 -22.76 10.13
CA CYS A 101 -20.35 -23.57 8.93
C CYS A 101 -19.55 -22.87 7.85
N ASP A 102 -18.94 -23.65 6.98
CA ASP A 102 -18.15 -23.10 5.89
C ASP A 102 -18.88 -23.51 4.64
N LEU A 103 -19.02 -22.59 3.69
CA LEU A 103 -19.67 -22.93 2.45
C LEU A 103 -18.65 -22.77 1.34
N GLY A 104 -18.71 -23.64 0.34
CA GLY A 104 -17.76 -23.53 -0.76
C GLY A 104 -18.25 -22.51 -1.78
N PRO A 105 -17.43 -22.18 -2.79
CA PRO A 105 -17.82 -21.21 -3.81
C PRO A 105 -19.19 -21.50 -4.41
N ASP A 106 -19.51 -22.79 -4.48
CA ASP A 106 -20.80 -23.22 -5.02
C ASP A 106 -21.92 -22.83 -4.06
N GLY A 107 -21.72 -23.10 -2.77
CA GLY A 107 -22.74 -22.77 -1.79
C GLY A 107 -23.16 -23.99 -1.00
N ARG A 108 -22.51 -25.11 -1.27
CA ARG A 108 -22.81 -26.35 -0.58
C ARG A 108 -21.98 -26.31 0.71
N LEU A 109 -22.45 -26.99 1.75
CA LEU A 109 -21.75 -27.02 3.04
C LEU A 109 -20.43 -27.79 2.98
N LEU A 110 -19.31 -27.09 3.14
CA LEU A 110 -18.00 -27.74 3.13
C LEU A 110 -17.74 -28.42 4.45
N ARG A 111 -18.31 -27.88 5.51
CA ARG A 111 -18.18 -28.47 6.85
C ARG A 111 -18.64 -27.52 7.92
N GLY A 112 -19.36 -28.07 8.89
CA GLY A 112 -19.85 -27.29 10.00
C GLY A 112 -19.04 -27.58 11.23
N TYR A 113 -19.22 -26.76 12.26
CA TYR A 113 -18.50 -26.94 13.52
C TYR A 113 -19.45 -26.83 14.70
N GLU A 114 -19.06 -27.45 15.80
CA GLU A 114 -19.83 -27.43 17.03
C GLU A 114 -18.86 -28.01 18.05
N GLN A 115 -18.16 -27.13 18.74
CA GLN A 115 -17.16 -27.56 19.71
C GLN A 115 -17.06 -26.64 20.92
N TYR A 116 -16.63 -27.20 22.04
CA TYR A 116 -16.52 -26.42 23.25
C TYR A 116 -15.12 -26.56 23.81
N ALA A 117 -14.82 -25.74 24.81
CA ALA A 117 -13.52 -25.78 25.47
C ALA A 117 -13.71 -25.25 26.89
N TYR A 118 -13.22 -26.01 27.88
CA TYR A 118 -13.34 -25.59 29.26
C TYR A 118 -11.99 -25.10 29.73
N ASP A 119 -11.95 -23.86 30.23
CA ASP A 119 -10.72 -23.27 30.71
C ASP A 119 -9.57 -23.31 29.70
N GLY A 120 -9.87 -22.97 28.45
CA GLY A 120 -8.84 -22.95 27.44
C GLY A 120 -8.62 -24.23 26.69
N LYS A 121 -8.72 -25.37 27.36
CA LYS A 121 -8.50 -26.66 26.70
C LYS A 121 -9.76 -27.28 26.08
N ASP A 122 -9.54 -28.09 25.05
CA ASP A 122 -10.62 -28.77 24.32
C ASP A 122 -11.52 -29.55 25.25
N TYR A 123 -12.84 -29.49 25.00
CA TYR A 123 -13.78 -30.23 25.83
C TYR A 123 -14.52 -31.34 25.06
N ILE A 124 -15.23 -30.96 24.00
CA ILE A 124 -15.93 -31.95 23.19
C ILE A 124 -16.14 -31.35 21.82
N ALA A 125 -16.30 -32.17 20.79
CA ALA A 125 -16.50 -31.61 19.45
C ALA A 125 -17.16 -32.52 18.44
N LEU A 126 -18.14 -31.96 17.73
CA LEU A 126 -18.86 -32.70 16.73
C LEU A 126 -17.85 -33.07 15.65
N ASN A 127 -17.71 -34.36 15.34
CA ASN A 127 -16.77 -34.78 14.31
C ASN A 127 -17.22 -34.27 12.95
N GLU A 128 -16.29 -34.25 12.00
CA GLU A 128 -16.57 -33.78 10.66
C GLU A 128 -17.83 -34.39 10.01
N ASP A 129 -18.15 -35.63 10.39
CA ASP A 129 -19.30 -36.35 9.86
C ASP A 129 -20.60 -35.77 10.41
N LEU A 130 -20.49 -34.88 11.39
CA LEU A 130 -21.66 -34.26 12.00
C LEU A 130 -22.58 -35.29 12.62
N ARG A 131 -22.05 -36.46 12.96
CA ARG A 131 -22.88 -37.49 13.56
C ARG A 131 -22.30 -38.06 14.86
N SER A 132 -20.97 -38.10 14.95
CA SER A 132 -20.30 -38.63 16.14
C SER A 132 -19.51 -37.52 16.83
N TRP A 133 -19.11 -37.77 18.07
CA TRP A 133 -18.35 -36.78 18.82
C TRP A 133 -16.95 -37.24 19.21
N THR A 134 -16.23 -36.34 19.87
CA THR A 134 -14.87 -36.61 20.34
C THR A 134 -14.74 -35.95 21.70
N ALA A 135 -14.44 -36.74 22.72
CA ALA A 135 -14.30 -36.21 24.05
C ALA A 135 -12.85 -36.02 24.39
N ALA A 136 -12.49 -34.80 24.75
CA ALA A 136 -11.11 -34.44 25.09
C ALA A 136 -10.52 -35.32 26.18
N ASP A 137 -11.22 -35.42 27.31
CA ASP A 137 -10.75 -36.23 28.44
C ASP A 137 -11.90 -37.03 29.05
N VAL A 138 -11.60 -37.78 30.10
CA VAL A 138 -12.60 -38.62 30.75
C VAL A 138 -13.87 -37.90 31.18
N ALA A 139 -13.72 -36.71 31.77
CA ALA A 139 -14.89 -35.96 32.20
C ALA A 139 -15.78 -35.65 30.99
N ALA A 140 -15.17 -35.09 29.95
CA ALA A 140 -15.86 -34.72 28.72
C ALA A 140 -16.73 -35.84 28.18
N GLN A 141 -16.31 -37.07 28.43
CA GLN A 141 -17.07 -38.22 27.97
C GLN A 141 -18.49 -38.11 28.50
N ASN A 142 -18.62 -37.65 29.74
CA ASN A 142 -19.93 -37.48 30.36
C ASN A 142 -20.86 -36.82 29.35
N THR A 143 -20.44 -35.66 28.87
CA THR A 143 -21.24 -34.94 27.90
C THR A 143 -21.41 -35.75 26.64
N GLN A 144 -20.39 -36.50 26.25
CA GLN A 144 -20.51 -37.29 25.03
C GLN A 144 -21.64 -38.31 25.12
N ARG A 145 -21.51 -39.26 26.04
CA ARG A 145 -22.53 -40.27 26.15
C ARG A 145 -23.89 -39.68 26.45
N LYS A 146 -23.91 -38.50 27.05
CA LYS A 146 -25.18 -37.87 27.34
C LYS A 146 -25.82 -37.29 26.09
N TRP A 147 -25.00 -36.80 25.17
CA TRP A 147 -25.52 -36.23 23.93
C TRP A 147 -25.90 -37.32 22.95
N GLU A 148 -25.20 -38.45 23.01
CA GLU A 148 -25.49 -39.57 22.11
C GLU A 148 -26.85 -40.12 22.49
N ALA A 149 -27.03 -40.33 23.80
CA ALA A 149 -28.27 -40.85 24.33
C ALA A 149 -29.43 -39.99 23.86
N ALA A 150 -29.16 -38.71 23.65
CA ALA A 150 -30.20 -37.78 23.24
C ALA A 150 -30.16 -37.29 21.80
N ASP A 151 -29.46 -38.00 20.93
CA ASP A 151 -29.39 -37.59 19.53
C ASP A 151 -29.17 -36.09 19.39
N VAL A 152 -28.36 -35.53 20.28
CA VAL A 152 -28.08 -34.11 20.23
C VAL A 152 -27.39 -33.76 18.91
N ALA A 153 -26.54 -34.67 18.43
CA ALA A 153 -25.81 -34.42 17.19
C ALA A 153 -26.77 -34.20 16.06
N GLU A 154 -27.87 -34.94 16.08
CA GLU A 154 -28.89 -34.84 15.05
C GLU A 154 -29.35 -33.39 14.86
N SER A 155 -29.81 -32.78 15.96
CA SER A 155 -30.30 -31.42 15.90
C SER A 155 -29.22 -30.43 15.46
N MET A 156 -28.01 -30.66 15.94
CA MET A 156 -26.92 -29.77 15.58
C MET A 156 -26.67 -29.93 14.10
N ARG A 157 -26.66 -31.17 13.64
CA ARG A 157 -26.43 -31.45 12.23
C ARG A 157 -27.52 -30.82 11.36
N ALA A 158 -28.76 -30.82 11.83
CA ALA A 158 -29.87 -30.23 11.08
C ALA A 158 -29.67 -28.72 10.92
N TYR A 159 -29.12 -28.10 11.96
CA TYR A 159 -28.84 -26.66 11.94
C TYR A 159 -27.71 -26.37 10.96
N LEU A 160 -26.60 -27.08 11.13
CA LEU A 160 -25.44 -26.89 10.30
C LEU A 160 -25.74 -27.05 8.81
N GLU A 161 -26.54 -28.06 8.47
CA GLU A 161 -26.86 -28.30 7.07
C GLU A 161 -28.07 -27.52 6.61
N GLY A 162 -28.80 -26.95 7.58
CA GLY A 162 -29.99 -26.20 7.23
C GLY A 162 -29.89 -24.71 7.47
N GLN A 163 -30.36 -24.29 8.64
CA GLN A 163 -30.35 -22.89 9.03
C GLN A 163 -29.04 -22.19 8.69
N CYS A 164 -27.92 -22.74 9.16
CA CYS A 164 -26.60 -22.16 8.91
C CYS A 164 -26.31 -21.91 7.44
N VAL A 165 -26.51 -22.94 6.61
CA VAL A 165 -26.26 -22.83 5.17
C VAL A 165 -27.23 -21.88 4.46
N GLU A 166 -28.47 -21.86 4.91
CA GLU A 166 -29.47 -21.00 4.30
C GLU A 166 -29.24 -19.53 4.67
N TRP A 167 -28.86 -19.30 5.93
CA TRP A 167 -28.65 -17.94 6.39
C TRP A 167 -27.38 -17.27 5.87
N LEU A 168 -26.25 -17.97 5.96
CA LEU A 168 -24.98 -17.40 5.51
C LEU A 168 -25.09 -16.64 4.19
N PRO A 169 -25.95 -17.09 3.27
CA PRO A 169 -26.12 -16.40 1.99
C PRO A 169 -26.93 -15.12 2.09
N ARG A 170 -27.95 -15.10 2.96
CA ARG A 170 -28.75 -13.90 3.10
C ARG A 170 -27.84 -12.78 3.62
N TYR A 171 -26.96 -13.12 4.55
CA TYR A 171 -26.05 -12.12 5.09
C TYR A 171 -25.08 -11.65 4.01
N LEU A 172 -24.64 -12.58 3.18
CA LEU A 172 -23.71 -12.25 2.11
C LEU A 172 -24.40 -11.40 1.06
N GLU A 173 -25.68 -11.67 0.83
CA GLU A 173 -26.45 -10.91 -0.14
C GLU A 173 -26.56 -9.47 0.34
N LYS A 174 -27.17 -9.27 1.50
CA LYS A 174 -27.33 -7.93 2.04
C LYS A 174 -25.98 -7.27 2.21
N GLY A 175 -24.99 -8.05 2.65
CA GLY A 175 -23.65 -7.52 2.87
C GLY A 175 -22.86 -7.31 1.59
N LYS A 176 -23.44 -7.76 0.48
CA LYS A 176 -22.84 -7.66 -0.84
C LYS A 176 -21.72 -6.62 -1.02
N GLU A 177 -22.09 -5.34 -1.05
CA GLU A 177 -21.13 -4.26 -1.26
C GLU A 177 -19.87 -4.25 -0.38
N THR A 178 -19.77 -5.14 0.60
CA THR A 178 -18.58 -5.14 1.45
C THR A 178 -18.04 -6.52 1.79
N LEU A 179 -18.92 -7.46 2.10
CA LEU A 179 -18.51 -8.83 2.42
C LEU A 179 -17.95 -9.55 1.20
N GLN A 180 -18.58 -9.32 0.05
CA GLN A 180 -18.18 -9.96 -1.19
C GLN A 180 -17.27 -9.08 -2.04
N ARG A 181 -16.25 -8.51 -1.39
CA ARG A 181 -15.30 -7.66 -2.07
C ARG A 181 -13.95 -7.85 -1.44
N THR A 182 -12.91 -7.76 -2.25
CA THR A 182 -11.55 -7.93 -1.74
C THR A 182 -10.68 -6.71 -1.99
N ASP A 183 -10.19 -6.12 -0.90
CA ASP A 183 -9.31 -4.97 -1.02
C ASP A 183 -7.87 -5.45 -0.86
N PRO A 184 -7.10 -5.38 -1.95
CA PRO A 184 -5.70 -5.82 -1.94
C PRO A 184 -4.85 -5.02 -0.96
N PRO A 185 -3.75 -5.62 -0.50
CA PRO A 185 -2.88 -4.92 0.43
C PRO A 185 -2.08 -3.82 -0.23
N LYS A 186 -1.90 -2.71 0.48
CA LYS A 186 -1.07 -1.62 -0.02
C LYS A 186 0.27 -1.97 0.59
N THR A 187 1.23 -2.31 -0.26
CA THR A 187 2.54 -2.73 0.18
C THR A 187 3.67 -1.75 -0.12
N HIS A 188 4.76 -1.90 0.62
CA HIS A 188 5.96 -1.10 0.43
C HIS A 188 7.01 -1.61 1.41
N VAL A 189 8.28 -1.45 1.06
CA VAL A 189 9.35 -1.93 1.92
C VAL A 189 10.13 -0.79 2.57
N THR A 190 10.54 -0.98 3.82
CA THR A 190 11.30 0.04 4.52
C THR A 190 12.65 -0.49 5.00
N HIS A 191 13.64 0.41 5.07
CA HIS A 191 14.98 0.03 5.50
C HIS A 191 15.34 0.64 6.85
N HIS A 192 15.78 -0.22 7.77
CA HIS A 192 16.14 0.22 9.12
C HIS A 192 17.47 -0.36 9.59
N PRO A 193 18.54 0.45 9.57
CA PRO A 193 19.86 -0.02 10.02
C PRO A 193 19.80 -0.62 11.41
N VAL A 194 20.62 -1.62 11.66
CA VAL A 194 20.64 -2.29 12.96
C VAL A 194 22.09 -2.29 13.46
N SER A 195 22.99 -1.87 12.58
CA SER A 195 24.40 -1.84 12.88
C SER A 195 25.16 -1.43 11.62
N ASP A 196 26.48 -1.52 11.67
CA ASP A 196 27.31 -1.17 10.54
C ASP A 196 27.35 -2.35 9.57
N HIS A 197 26.87 -3.51 10.05
CA HIS A 197 26.89 -4.72 9.24
C HIS A 197 25.53 -5.29 8.87
N GLU A 198 24.48 -4.92 9.57
CA GLU A 198 23.17 -5.48 9.26
C GLU A 198 22.02 -4.48 9.28
N ALA A 199 21.12 -4.64 8.32
CA ALA A 199 19.95 -3.78 8.22
C ALA A 199 18.70 -4.64 8.30
N THR A 200 17.59 -4.03 8.70
CA THR A 200 16.35 -4.75 8.78
C THR A 200 15.47 -4.26 7.65
N LEU A 201 15.05 -5.20 6.81
CA LEU A 201 14.14 -4.87 5.73
C LEU A 201 12.78 -5.28 6.30
N ARG A 202 11.78 -4.44 6.10
CA ARG A 202 10.44 -4.76 6.59
C ARG A 202 9.43 -4.61 5.46
N CYS A 203 8.73 -5.70 5.18
CA CYS A 203 7.73 -5.71 4.12
C CYS A 203 6.35 -5.38 4.68
N TRP A 204 5.76 -4.28 4.22
CA TRP A 204 4.44 -3.87 4.69
C TRP A 204 3.28 -4.33 3.83
N ALA A 205 2.15 -4.53 4.50
CA ALA A 205 0.91 -4.93 3.85
C ALA A 205 -0.22 -4.36 4.69
N LEU A 206 -0.92 -3.36 4.17
CA LEU A 206 -2.01 -2.76 4.93
C LEU A 206 -3.26 -2.39 4.15
N GLY A 207 -4.36 -2.30 4.89
CA GLY A 207 -5.66 -1.94 4.33
C GLY A 207 -6.31 -2.99 3.48
N PHE A 208 -6.05 -4.26 3.81
CA PHE A 208 -6.59 -5.36 3.02
C PHE A 208 -7.72 -6.17 3.68
N TYR A 209 -8.55 -6.79 2.83
CA TYR A 209 -9.67 -7.64 3.25
C TYR A 209 -9.94 -8.67 2.16
N PRO A 210 -10.15 -9.95 2.55
CA PRO A 210 -10.17 -10.51 3.91
C PRO A 210 -8.81 -10.61 4.60
N ALA A 211 -8.81 -11.16 5.82
CA ALA A 211 -7.61 -11.29 6.64
C ALA A 211 -6.50 -12.21 6.14
N GLU A 212 -6.87 -13.27 5.44
CA GLU A 212 -5.88 -14.21 4.92
C GLU A 212 -4.88 -13.47 4.03
N ILE A 213 -3.59 -13.72 4.25
CA ILE A 213 -2.56 -13.06 3.46
C ILE A 213 -1.23 -13.79 3.65
N THR A 214 -0.37 -13.68 2.66
CA THR A 214 0.93 -14.33 2.78
C THR A 214 2.06 -13.40 2.37
N LEU A 215 3.01 -13.22 3.28
CA LEU A 215 4.17 -12.39 3.02
C LEU A 215 5.35 -13.33 3.11
N THR A 216 6.23 -13.26 2.13
CA THR A 216 7.40 -14.12 2.10
C THR A 216 8.62 -13.31 1.72
N TRP A 217 9.72 -13.54 2.43
CA TRP A 217 10.96 -12.85 2.13
C TRP A 217 11.86 -13.82 1.40
N GLN A 218 12.24 -13.46 0.18
CA GLN A 218 13.11 -14.30 -0.64
C GLN A 218 14.49 -13.68 -0.87
N ARG A 219 15.53 -14.52 -0.79
CA ARG A 219 16.91 -14.09 -0.99
C ARG A 219 17.48 -14.86 -2.17
N ASP A 220 17.52 -14.20 -3.33
CA ASP A 220 18.03 -14.81 -4.56
C ASP A 220 16.96 -15.75 -5.07
N GLY A 221 15.72 -15.54 -4.62
CA GLY A 221 14.61 -16.38 -5.03
C GLY A 221 14.42 -17.55 -4.07
N GLU A 222 15.14 -17.49 -2.95
CA GLU A 222 15.10 -18.54 -1.94
C GLU A 222 14.23 -18.13 -0.76
N ASP A 223 13.23 -18.94 -0.44
CA ASP A 223 12.34 -18.65 0.69
C ASP A 223 13.20 -18.50 1.95
N GLN A 224 13.01 -17.42 2.70
CA GLN A 224 13.78 -17.20 3.92
C GLN A 224 12.91 -17.29 5.18
N THR A 225 11.97 -18.23 5.18
CA THR A 225 11.06 -18.38 6.31
C THR A 225 11.70 -18.56 7.68
N GLN A 226 13.00 -18.82 7.74
CA GLN A 226 13.62 -19.01 9.04
C GLN A 226 14.10 -17.71 9.67
N ASP A 227 14.67 -16.84 8.86
CA ASP A 227 15.18 -15.56 9.33
C ASP A 227 14.14 -14.47 9.22
N THR A 228 12.93 -14.85 8.83
CA THR A 228 11.87 -13.89 8.68
C THR A 228 11.09 -13.81 9.97
N GLU A 229 10.78 -12.58 10.39
CA GLU A 229 9.99 -12.32 11.58
C GLU A 229 8.65 -11.82 11.08
N LEU A 230 7.59 -12.53 11.46
CA LEU A 230 6.24 -12.18 11.07
C LEU A 230 5.44 -11.70 12.26
N VAL A 231 4.81 -10.54 12.14
CA VAL A 231 3.97 -10.08 13.22
C VAL A 231 2.61 -10.65 12.87
N GLU A 232 1.90 -11.10 13.89
CA GLU A 232 0.59 -11.69 13.72
C GLU A 232 -0.38 -10.68 13.12
N THR A 233 -0.98 -11.01 11.97
CA THR A 233 -1.95 -10.14 11.29
C THR A 233 -2.86 -9.48 12.30
N ARG A 234 -3.08 -8.18 12.13
CA ARG A 234 -3.89 -7.41 13.06
C ARG A 234 -4.94 -6.52 12.39
N PRO A 235 -5.89 -6.03 13.19
CA PRO A 235 -6.99 -5.16 12.74
C PRO A 235 -6.63 -3.68 12.67
N ALA A 236 -6.86 -3.06 11.53
CA ALA A 236 -6.60 -1.63 11.39
C ALA A 236 -7.62 -0.87 12.26
N GLY A 237 -8.75 -1.52 12.49
CA GLY A 237 -9.80 -0.92 13.28
C GLY A 237 -10.91 -0.35 12.42
N ASP A 238 -10.79 -0.49 11.11
CA ASP A 238 -11.81 0.05 10.24
C ASP A 238 -12.35 -1.00 9.30
N GLY A 239 -12.01 -2.25 9.53
CA GLY A 239 -12.50 -3.30 8.68
C GLY A 239 -11.39 -4.04 7.96
N THR A 240 -10.38 -3.30 7.52
CA THR A 240 -9.24 -3.87 6.81
C THR A 240 -8.19 -4.39 7.80
N PHE A 241 -7.16 -5.07 7.29
CA PHE A 241 -6.12 -5.58 8.17
C PHE A 241 -4.70 -5.16 7.79
N GLN A 242 -3.78 -5.49 8.70
CA GLN A 242 -2.39 -5.14 8.48
C GLN A 242 -1.46 -6.32 8.78
N LYS A 243 -0.21 -6.17 8.36
CA LYS A 243 0.77 -7.21 8.59
C LYS A 243 2.12 -6.81 8.00
N TRP A 244 3.21 -7.29 8.58
CA TRP A 244 4.54 -7.04 8.03
C TRP A 244 5.54 -8.12 8.37
N ALA A 245 6.42 -8.40 7.42
CA ALA A 245 7.44 -9.41 7.60
C ALA A 245 8.79 -8.70 7.58
N ALA A 246 9.65 -9.06 8.51
CA ALA A 246 10.96 -8.44 8.55
C ALA A 246 12.07 -9.47 8.55
N VAL A 247 13.17 -9.14 7.89
CA VAL A 247 14.31 -10.02 7.82
C VAL A 247 15.57 -9.16 7.96
N VAL A 248 16.55 -9.64 8.70
CA VAL A 248 17.80 -8.91 8.88
C VAL A 248 18.75 -9.22 7.73
N VAL A 249 19.43 -8.21 7.21
CA VAL A 249 20.33 -8.46 6.09
C VAL A 249 21.66 -7.73 6.14
N PRO A 250 22.71 -8.32 5.53
CA PRO A 250 24.04 -7.72 5.49
C PRO A 250 24.00 -6.50 4.58
N SER A 251 24.49 -5.36 5.08
CA SER A 251 24.52 -4.11 4.34
C SER A 251 25.07 -4.30 2.93
N GLY A 252 24.35 -3.76 1.94
CA GLY A 252 24.80 -3.90 0.57
C GLY A 252 24.01 -5.00 -0.10
N GLU A 253 23.91 -6.14 0.59
CA GLU A 253 23.18 -7.27 0.06
C GLU A 253 21.66 -7.01 0.01
N GLU A 254 21.28 -5.75 0.18
CA GLU A 254 19.86 -5.39 0.17
C GLU A 254 19.17 -5.96 -1.07
N GLN A 255 19.73 -5.67 -2.24
CA GLN A 255 19.17 -6.13 -3.52
C GLN A 255 19.08 -7.64 -3.67
N ARG A 256 19.71 -8.34 -2.72
CA ARG A 256 19.69 -9.79 -2.71
C ARG A 256 18.31 -10.30 -2.32
N TYR A 257 17.56 -9.46 -1.60
CA TYR A 257 16.24 -9.81 -1.10
C TYR A 257 15.01 -9.25 -1.83
N THR A 258 13.96 -10.05 -1.91
CA THR A 258 12.70 -9.63 -2.56
C THR A 258 11.53 -10.07 -1.69
N CYS A 259 10.51 -9.23 -1.60
CA CYS A 259 9.33 -9.56 -0.80
C CYS A 259 8.13 -9.97 -1.65
N HIS A 260 7.48 -11.04 -1.24
CA HIS A 260 6.33 -11.58 -1.93
C HIS A 260 5.06 -11.49 -1.12
N VAL A 261 4.07 -10.78 -1.65
CA VAL A 261 2.80 -10.63 -0.98
C VAL A 261 1.70 -11.33 -1.75
N GLN A 262 0.94 -12.19 -1.07
CA GLN A 262 -0.14 -12.92 -1.70
C GLN A 262 -1.47 -12.67 -1.02
N HIS A 263 -2.45 -12.22 -1.79
CA HIS A 263 -3.76 -11.93 -1.27
C HIS A 263 -4.76 -12.27 -2.36
N GLU A 264 -6.00 -12.57 -1.97
CA GLU A 264 -7.00 -12.93 -2.97
C GLU A 264 -7.58 -11.75 -3.72
N GLY A 265 -6.93 -10.61 -3.60
CA GLY A 265 -7.38 -9.43 -4.30
C GLY A 265 -6.31 -9.07 -5.30
N LEU A 266 -5.27 -9.90 -5.34
CA LEU A 266 -4.16 -9.70 -6.26
C LEU A 266 -4.12 -10.85 -7.24
N PRO A 267 -4.60 -10.63 -8.48
CA PRO A 267 -4.58 -11.71 -9.48
C PRO A 267 -3.16 -12.28 -9.55
N LYS A 268 -2.21 -11.36 -9.65
CA LYS A 268 -0.79 -11.71 -9.72
C LYS A 268 -0.12 -11.09 -8.49
N PRO A 269 0.46 -11.94 -7.63
CA PRO A 269 1.15 -11.54 -6.40
C PRO A 269 2.03 -10.34 -6.58
N HIS A 270 2.15 -9.55 -5.53
CA HIS A 270 3.03 -8.38 -5.58
C HIS A 270 4.41 -8.86 -5.20
N THR A 271 5.42 -8.31 -5.86
CA THR A 271 6.82 -8.65 -5.59
C THR A 271 7.61 -7.35 -5.55
N LEU A 272 8.14 -7.01 -4.39
CA LEU A 272 8.90 -5.77 -4.28
C LEU A 272 10.24 -5.96 -3.63
N LYS A 273 11.08 -4.94 -3.75
CA LYS A 273 12.42 -4.94 -3.18
C LYS A 273 12.72 -3.53 -2.67
N TRP A 274 13.66 -3.40 -1.73
CA TRP A 274 13.96 -2.09 -1.19
C TRP A 274 14.62 -1.14 -2.18
N GLU A 275 14.31 0.14 -2.01
CA GLU A 275 14.84 1.19 -2.88
C GLU A 275 15.36 2.39 -2.07
N PRO A 276 16.65 2.73 -2.24
CA PRO A 276 17.25 3.86 -1.53
C PRO A 276 17.95 4.84 -2.46
N HIS A 277 18.98 4.31 -3.13
CA HIS A 277 19.85 5.02 -4.07
C HIS A 277 19.41 6.35 -4.66
N HIS A 278 20.40 7.19 -4.92
CA HIS A 278 20.18 8.50 -5.50
C HIS A 278 19.01 9.22 -4.82
N ILE B 1 -1.87 -23.83 30.52
CA ILE B 1 -3.27 -23.49 30.93
C ILE B 1 -3.54 -21.97 30.79
N GLN B 2 -2.68 -21.10 31.34
CA GLN B 2 -2.86 -19.64 31.23
C GLN B 2 -1.83 -19.00 30.28
N ARG B 3 -2.29 -18.35 29.23
CA ARG B 3 -1.38 -17.71 28.29
C ARG B 3 -1.35 -16.21 28.45
N THR B 4 -0.15 -15.63 28.39
CA THR B 4 0.03 -14.19 28.52
C THR B 4 -0.40 -13.46 27.26
N PRO B 5 -0.96 -12.25 27.41
CA PRO B 5 -1.41 -11.47 26.26
C PRO B 5 -0.30 -11.06 25.31
N LYS B 6 -0.55 -11.22 24.02
CA LYS B 6 0.40 -10.86 22.97
C LYS B 6 0.09 -9.44 22.46
N ILE B 7 1.01 -8.53 22.72
CA ILE B 7 0.81 -7.12 22.37
C ILE B 7 1.43 -6.51 21.10
N GLN B 8 0.67 -5.59 20.49
CA GLN B 8 1.06 -4.86 19.30
C GLN B 8 0.46 -3.47 19.40
N VAL B 9 1.25 -2.44 19.13
CA VAL B 9 0.77 -1.07 19.18
C VAL B 9 1.05 -0.45 17.84
N TYR B 10 0.00 0.09 17.21
CA TYR B 10 0.14 0.69 15.89
C TYR B 10 -1.00 1.64 15.59
N SER B 11 -0.84 2.44 14.55
CA SER B 11 -1.87 3.38 14.13
C SER B 11 -2.73 2.75 13.05
N ARG B 12 -3.95 3.25 12.89
CA ARG B 12 -4.85 2.70 11.90
C ARG B 12 -4.30 3.01 10.53
N HIS B 13 -3.81 4.22 10.37
CA HIS B 13 -3.26 4.65 9.11
C HIS B 13 -1.79 5.00 9.25
N PRO B 14 -1.10 5.21 8.13
CA PRO B 14 0.30 5.56 8.24
C PRO B 14 0.41 6.83 9.09
N ALA B 15 1.37 6.86 9.99
CA ALA B 15 1.54 8.03 10.83
C ALA B 15 1.90 9.27 10.02
N GLU B 16 1.30 10.40 10.37
CA GLU B 16 1.57 11.66 9.69
C GLU B 16 1.49 12.78 10.72
N ASN B 17 2.63 13.22 11.22
CA ASN B 17 2.67 14.26 12.24
C ASN B 17 1.67 15.40 12.00
N GLY B 18 0.86 15.69 13.00
CA GLY B 18 -0.12 16.75 12.89
C GLY B 18 -1.44 16.34 12.26
N LYS B 19 -1.48 15.15 11.68
CA LYS B 19 -2.68 14.64 11.04
C LYS B 19 -3.38 13.61 11.93
N SER B 20 -4.69 13.72 12.05
CA SER B 20 -5.47 12.82 12.88
C SER B 20 -5.32 11.35 12.49
N ASN B 21 -5.45 10.47 13.48
CA ASN B 21 -5.33 9.02 13.27
C ASN B 21 -5.95 8.29 14.48
N PHE B 22 -5.70 6.99 14.56
CA PHE B 22 -6.20 6.15 15.64
C PHE B 22 -5.06 5.35 16.22
N LEU B 23 -5.06 5.18 17.54
CA LEU B 23 -4.00 4.44 18.20
C LEU B 23 -4.62 3.13 18.61
N ASN B 24 -4.11 2.03 18.07
CA ASN B 24 -4.63 0.70 18.37
C ASN B 24 -3.64 -0.06 19.20
N CYS B 25 -4.19 -0.94 20.03
CA CYS B 25 -3.40 -1.84 20.83
C CYS B 25 -4.16 -3.14 20.70
N TYR B 26 -3.54 -4.11 20.05
CA TYR B 26 -4.13 -5.42 19.82
C TYR B 26 -3.50 -6.42 20.78
N VAL B 27 -4.27 -6.89 21.75
CA VAL B 27 -3.79 -7.89 22.71
C VAL B 27 -4.43 -9.17 22.20
N SER B 28 -3.65 -10.23 22.07
CA SER B 28 -4.20 -11.48 21.53
C SER B 28 -3.57 -12.73 22.09
N GLY B 29 -4.26 -13.85 21.89
CA GLY B 29 -3.76 -15.12 22.35
C GLY B 29 -3.45 -15.16 23.84
N PHE B 30 -4.44 -14.84 24.64
CA PHE B 30 -4.25 -14.88 26.08
C PHE B 30 -5.40 -15.67 26.70
N HIS B 31 -5.18 -16.09 27.94
CA HIS B 31 -6.19 -16.82 28.70
C HIS B 31 -5.74 -16.81 30.15
N PRO B 32 -6.68 -16.55 31.07
CA PRO B 32 -8.10 -16.26 30.85
C PRO B 32 -8.38 -14.98 30.07
N SER B 33 -9.66 -14.61 29.98
CA SER B 33 -10.07 -13.42 29.23
C SER B 33 -9.99 -12.10 29.97
N ASP B 34 -9.98 -12.13 31.30
CA ASP B 34 -9.91 -10.88 32.03
C ASP B 34 -8.60 -10.22 31.65
N ILE B 35 -8.66 -8.94 31.32
CA ILE B 35 -7.45 -8.22 30.95
C ILE B 35 -7.69 -6.73 30.98
N GLU B 36 -6.68 -5.97 31.35
CA GLU B 36 -6.80 -4.53 31.40
C GLU B 36 -5.82 -3.87 30.43
N VAL B 37 -6.33 -2.93 29.63
CA VAL B 37 -5.51 -2.23 28.64
C VAL B 37 -5.69 -0.71 28.68
N ASP B 38 -4.58 0.01 28.77
CA ASP B 38 -4.64 1.46 28.76
C ASP B 38 -3.81 2.00 27.62
N LEU B 39 -4.13 3.20 27.18
CA LEU B 39 -3.38 3.85 26.12
C LEU B 39 -2.74 5.05 26.79
N LEU B 40 -1.44 5.21 26.58
CA LEU B 40 -0.69 6.29 27.21
C LEU B 40 -0.19 7.36 26.25
N LYS B 41 -0.15 8.59 26.76
CA LYS B 41 0.35 9.75 26.02
C LYS B 41 1.32 10.42 27.01
N ASN B 42 2.61 10.11 26.87
CA ASN B 42 3.64 10.65 27.74
C ASN B 42 3.44 10.11 29.13
N GLY B 43 3.19 8.83 29.20
CA GLY B 43 3.05 8.25 30.50
C GLY B 43 1.94 8.69 31.41
N GLU B 44 0.91 9.35 30.90
CA GLU B 44 -0.21 9.67 31.80
C GLU B 44 -1.30 8.92 30.97
N ARG B 45 -2.34 8.27 31.50
CA ARG B 45 -3.24 7.60 30.53
C ARG B 45 -4.34 8.40 29.88
N ILE B 46 -4.65 7.93 28.68
CA ILE B 46 -5.67 8.51 27.86
C ILE B 46 -7.02 8.01 28.32
N GLU B 47 -7.96 8.93 28.47
CA GLU B 47 -9.31 8.56 28.94
C GLU B 47 -10.27 7.97 27.93
N LYS B 48 -10.51 8.68 26.83
CA LYS B 48 -11.45 8.23 25.81
C LYS B 48 -10.94 7.02 25.03
N VAL B 49 -10.92 5.85 25.66
CA VAL B 49 -10.48 4.64 25.01
C VAL B 49 -11.55 3.55 24.92
N GLU B 50 -11.81 3.10 23.71
CA GLU B 50 -12.80 2.05 23.47
C GLU B 50 -12.13 0.75 23.05
N HIS B 51 -12.92 -0.32 23.02
CA HIS B 51 -12.37 -1.61 22.63
C HIS B 51 -13.41 -2.50 21.95
N SER B 52 -12.93 -3.38 21.10
CA SER B 52 -13.77 -4.31 20.37
C SER B 52 -14.55 -5.18 21.34
N ASP B 53 -15.23 -6.19 20.79
CA ASP B 53 -16.02 -7.12 21.58
C ASP B 53 -15.21 -8.40 21.76
N LEU B 54 -15.14 -8.90 22.99
CA LEU B 54 -14.38 -10.11 23.28
C LEU B 54 -14.66 -11.28 22.33
N SER B 55 -13.66 -11.62 21.52
CA SER B 55 -13.75 -12.72 20.57
C SER B 55 -12.55 -13.64 20.79
N PHE B 56 -12.41 -14.70 20.02
CA PHE B 56 -11.26 -15.59 20.20
C PHE B 56 -10.92 -16.40 18.98
N SER B 57 -9.68 -16.89 18.92
CA SER B 57 -9.18 -17.66 17.78
C SER B 57 -9.54 -19.13 17.80
N LYS B 58 -9.12 -19.84 16.75
CA LYS B 58 -9.44 -21.26 16.70
C LYS B 58 -8.72 -22.04 17.77
N ASP B 59 -7.62 -21.51 18.29
CA ASP B 59 -6.90 -22.20 19.35
C ASP B 59 -7.47 -21.78 20.70
N TRP B 60 -8.69 -21.23 20.65
CA TRP B 60 -9.42 -20.77 21.84
C TRP B 60 -8.93 -19.50 22.53
N SER B 61 -7.70 -19.08 22.25
CA SER B 61 -7.13 -17.88 22.87
C SER B 61 -7.92 -16.63 22.52
N PHE B 62 -8.05 -15.72 23.47
CA PHE B 62 -8.82 -14.50 23.23
C PHE B 62 -8.01 -13.36 22.59
N TYR B 63 -8.74 -12.37 22.09
CA TYR B 63 -8.13 -11.19 21.48
C TYR B 63 -9.12 -10.04 21.49
N LEU B 64 -8.60 -8.85 21.80
CA LEU B 64 -9.40 -7.65 21.85
C LEU B 64 -8.61 -6.58 21.14
N LEU B 65 -9.30 -5.52 20.75
CA LEU B 65 -8.64 -4.39 20.13
C LEU B 65 -9.02 -3.16 20.92
N TYR B 66 -8.00 -2.45 21.40
CA TYR B 66 -8.23 -1.22 22.16
C TYR B 66 -7.75 -0.11 21.25
N TYR B 67 -8.40 1.04 21.35
CA TYR B 67 -8.04 2.16 20.49
C TYR B 67 -8.62 3.48 20.93
N THR B 68 -7.99 4.54 20.45
CA THR B 68 -8.41 5.91 20.73
C THR B 68 -7.97 6.81 19.59
N GLU B 69 -8.68 7.92 19.44
CA GLU B 69 -8.39 8.91 18.41
C GLU B 69 -7.16 9.65 18.92
N PHE B 70 -6.27 10.07 18.01
CA PHE B 70 -5.08 10.80 18.41
C PHE B 70 -4.33 11.39 17.22
N THR B 71 -3.47 12.36 17.50
CA THR B 71 -2.66 13.01 16.47
C THR B 71 -1.18 12.85 16.75
N PRO B 72 -0.52 11.89 16.11
CA PRO B 72 0.92 11.72 16.34
C PRO B 72 1.65 13.04 16.04
N THR B 73 2.64 13.36 16.85
CA THR B 73 3.36 14.61 16.65
C THR B 73 4.84 14.53 17.03
N GLU B 74 5.60 15.50 16.51
CA GLU B 74 7.05 15.61 16.75
C GLU B 74 7.45 15.02 18.09
N LYS B 75 7.14 15.77 19.13
CA LYS B 75 7.46 15.40 20.51
C LYS B 75 6.66 14.24 21.13
N ASP B 76 5.37 14.47 21.35
CA ASP B 76 4.49 13.48 21.96
C ASP B 76 4.80 12.02 21.73
N GLU B 77 4.79 11.26 22.81
CA GLU B 77 5.07 9.83 22.78
C GLU B 77 3.85 9.04 23.25
N TYR B 78 3.62 7.89 22.65
CA TYR B 78 2.48 7.05 23.00
C TYR B 78 2.86 5.61 23.25
N ALA B 79 2.15 4.96 24.17
CA ALA B 79 2.40 3.56 24.44
C ALA B 79 1.16 2.83 24.94
N CYS B 80 1.24 1.50 24.97
CA CYS B 80 0.15 0.66 25.42
C CYS B 80 0.56 0.00 26.73
N ARG B 81 -0.30 0.09 27.74
CA ARG B 81 0.01 -0.56 29.01
C ARG B 81 -0.98 -1.69 29.20
N VAL B 82 -0.46 -2.91 29.40
CA VAL B 82 -1.30 -4.08 29.57
C VAL B 82 -1.17 -4.78 30.92
N ASN B 83 -2.30 -5.27 31.43
CA ASN B 83 -2.36 -5.97 32.70
C ASN B 83 -3.17 -7.23 32.54
N HIS B 84 -2.60 -8.35 32.95
CA HIS B 84 -3.26 -9.64 32.84
C HIS B 84 -2.73 -10.50 33.97
N VAL B 85 -3.49 -11.52 34.38
CA VAL B 85 -3.07 -12.36 35.49
C VAL B 85 -1.68 -12.97 35.36
N THR B 86 -1.19 -13.12 34.12
CA THR B 86 0.13 -13.69 33.91
C THR B 86 1.26 -12.67 34.03
N LEU B 87 0.94 -11.42 34.32
CA LEU B 87 1.98 -10.40 34.43
C LEU B 87 2.14 -9.86 35.86
N SER B 88 3.35 -9.99 36.43
CA SER B 88 3.66 -9.51 37.79
C SER B 88 3.31 -8.03 37.91
N GLN B 89 3.58 -7.31 36.84
CA GLN B 89 3.28 -5.89 36.78
C GLN B 89 3.05 -5.47 35.34
N PRO B 90 2.35 -4.35 35.14
CA PRO B 90 2.02 -3.82 33.82
C PRO B 90 3.12 -3.94 32.77
N LYS B 91 2.74 -4.29 31.56
CA LYS B 91 3.70 -4.41 30.48
C LYS B 91 3.46 -3.19 29.63
N ILE B 92 4.48 -2.36 29.48
CA ILE B 92 4.35 -1.17 28.67
C ILE B 92 5.08 -1.33 27.36
N VAL B 93 4.41 -0.99 26.26
CA VAL B 93 5.01 -1.09 24.94
C VAL B 93 4.84 0.25 24.24
N LYS B 94 5.94 0.92 23.93
CA LYS B 94 5.85 2.21 23.27
C LYS B 94 5.43 2.01 21.82
N TRP B 95 4.73 3.00 21.28
CA TRP B 95 4.28 2.95 19.90
C TRP B 95 5.42 3.35 19.00
N ASP B 96 5.74 2.51 18.02
CA ASP B 96 6.82 2.80 17.08
C ASP B 96 6.26 3.02 15.69
N ARG B 97 6.48 4.21 15.14
CA ARG B 97 5.99 4.57 13.81
C ARG B 97 6.26 3.49 12.77
N ASP B 98 7.35 2.75 12.97
CA ASP B 98 7.73 1.71 12.02
C ASP B 98 7.43 0.29 12.47
N MET B 99 6.36 0.11 13.22
CA MET B 99 6.01 -1.22 13.66
C MET B 99 4.51 -1.43 13.76
N THR C 1 -27.82 -16.78 11.78
CA THR C 1 -28.73 -16.93 12.95
C THR C 1 -28.21 -17.91 13.99
N THR C 2 -28.32 -17.54 15.26
CA THR C 2 -27.84 -18.39 16.33
C THR C 2 -28.58 -19.71 16.44
N PRO C 3 -27.85 -20.80 16.74
CA PRO C 3 -28.46 -22.13 16.89
C PRO C 3 -29.07 -22.25 18.27
N GLU C 4 -29.59 -23.43 18.59
CA GLU C 4 -30.15 -23.67 19.91
C GLU C 4 -29.02 -24.29 20.71
N SER C 5 -29.04 -24.07 22.01
CA SER C 5 -28.02 -24.63 22.86
C SER C 5 -28.48 -25.90 23.59
N ALA C 6 -27.58 -26.89 23.71
CA ALA C 6 -27.84 -28.14 24.44
C ALA C 6 -27.01 -27.97 25.72
N ASN C 7 -27.31 -28.74 26.76
CA ASN C 7 -26.55 -28.61 28.00
C ASN C 7 -25.64 -29.79 28.23
N LEU C 8 -24.41 -29.48 28.62
CA LEU C 8 -23.39 -30.50 28.85
C LEU C 8 -23.76 -31.36 30.03
N GLY D 1 18.21 11.50 -36.55
CA GLY D 1 17.22 12.56 -36.16
C GLY D 1 15.81 12.01 -36.02
N SER D 2 15.61 11.16 -35.01
CA SER D 2 14.31 10.55 -34.73
C SER D 2 13.63 11.41 -33.70
N HIS D 3 12.31 11.43 -33.69
CA HIS D 3 11.59 12.23 -32.72
C HIS D 3 10.34 11.47 -32.34
N SER D 4 9.72 11.86 -31.23
CA SER D 4 8.51 11.19 -30.79
C SER D 4 7.57 12.19 -30.15
N MET D 5 6.33 11.78 -29.94
CA MET D 5 5.34 12.62 -29.32
C MET D 5 4.54 11.70 -28.42
N LYS D 6 4.34 12.10 -27.17
CA LYS D 6 3.60 11.27 -26.24
C LYS D 6 2.80 12.09 -25.25
N TYR D 7 1.74 11.49 -24.76
CA TYR D 7 0.86 12.14 -23.78
C TYR D 7 0.75 11.24 -22.53
N PHE D 8 0.65 11.86 -21.37
CA PHE D 8 0.56 11.13 -20.12
C PHE D 8 -0.67 11.53 -19.35
N TYR D 9 -1.60 10.60 -19.22
CA TYR D 9 -2.82 10.88 -18.50
C TYR D 9 -2.76 10.19 -17.15
N THR D 10 -3.31 10.86 -16.14
CA THR D 10 -3.36 10.32 -14.79
C THR D 10 -4.73 10.60 -14.21
N SER D 11 -5.49 9.52 -13.95
CA SER D 11 -6.82 9.65 -13.38
C SER D 11 -6.76 9.15 -11.95
N MET D 12 -6.88 10.07 -11.00
CA MET D 12 -6.84 9.72 -9.60
C MET D 12 -8.19 9.89 -8.97
N SER D 13 -8.68 8.83 -8.35
CA SER D 13 -9.97 8.88 -7.69
C SER D 13 -9.66 9.11 -6.24
N ARG D 14 -10.44 9.95 -5.58
CA ARG D 14 -10.23 10.25 -4.17
C ARG D 14 -11.56 10.20 -3.44
N PRO D 15 -11.89 9.04 -2.84
CA PRO D 15 -13.16 8.92 -2.11
C PRO D 15 -13.24 10.01 -1.05
N GLY D 16 -14.46 10.52 -0.83
CA GLY D 16 -14.66 11.55 0.16
C GLY D 16 -14.23 12.94 -0.26
N ARG D 17 -12.96 13.08 -0.62
CA ARG D 17 -12.41 14.37 -1.03
C ARG D 17 -12.87 14.88 -2.39
N GLY D 18 -14.13 14.63 -2.74
CA GLY D 18 -14.63 15.10 -4.02
C GLY D 18 -14.72 14.05 -5.10
N GLN D 19 -14.60 14.48 -6.34
CA GLN D 19 -14.67 13.58 -7.49
C GLN D 19 -13.27 13.18 -7.95
N PRO D 20 -13.15 12.56 -9.14
CA PRO D 20 -11.79 12.20 -9.56
C PRO D 20 -11.03 13.39 -10.11
N ARG D 21 -9.72 13.21 -10.23
CA ARG D 21 -8.86 14.25 -10.76
C ARG D 21 -8.14 13.70 -11.97
N PHE D 22 -8.20 14.46 -13.04
CA PHE D 22 -7.56 14.07 -14.27
C PHE D 22 -6.46 15.06 -14.61
N ILE D 23 -5.28 14.55 -14.93
CA ILE D 23 -4.14 15.39 -15.28
C ILE D 23 -3.61 14.90 -16.62
N ALA D 24 -3.29 15.82 -17.51
CA ALA D 24 -2.77 15.42 -18.80
C ALA D 24 -1.63 16.35 -19.19
N VAL D 25 -0.59 15.75 -19.77
CA VAL D 25 0.58 16.48 -20.19
C VAL D 25 1.12 15.82 -21.45
N GLY D 26 1.74 16.60 -22.32
CA GLY D 26 2.26 16.05 -23.55
C GLY D 26 3.67 16.51 -23.91
N TYR D 27 4.44 15.63 -24.56
CA TYR D 27 5.79 15.97 -24.94
C TYR D 27 6.11 15.74 -26.39
N VAL D 28 7.33 16.13 -26.74
CA VAL D 28 7.90 15.95 -28.06
C VAL D 28 9.32 15.79 -27.63
N ASP D 29 9.81 14.56 -27.67
CA ASP D 29 11.15 14.26 -27.21
C ASP D 29 11.09 14.64 -25.74
N ASP D 30 12.18 15.18 -25.19
CA ASP D 30 12.20 15.55 -23.77
C ASP D 30 11.57 16.89 -23.43
N THR D 31 10.89 17.49 -24.39
CA THR D 31 10.25 18.77 -24.18
C THR D 31 8.72 18.65 -24.02
N GLN D 32 8.19 19.33 -23.02
CA GLN D 32 6.75 19.34 -22.80
C GLN D 32 6.18 20.54 -23.54
N PHE D 33 4.95 20.45 -24.03
CA PHE D 33 4.36 21.57 -24.74
C PHE D 33 2.93 21.89 -24.34
N VAL D 34 2.24 20.91 -23.77
CA VAL D 34 0.86 21.16 -23.34
C VAL D 34 0.61 20.64 -21.94
N ARG D 35 -0.45 21.15 -21.31
CA ARG D 35 -0.80 20.76 -19.96
C ARG D 35 -2.27 21.00 -19.66
N PHE D 36 -2.83 20.13 -18.86
CA PHE D 36 -4.21 20.26 -18.45
C PHE D 36 -4.30 19.59 -17.09
N ASP D 37 -5.04 20.22 -16.19
CA ASP D 37 -5.23 19.70 -14.85
C ASP D 37 -6.66 20.03 -14.48
N SER D 38 -7.49 19.01 -14.30
CA SER D 38 -8.87 19.27 -13.95
C SER D 38 -8.88 20.22 -12.74
N ASP D 39 -8.41 19.76 -11.59
CA ASP D 39 -8.38 20.61 -10.39
C ASP D 39 -7.87 22.01 -10.68
N ALA D 40 -7.06 22.13 -11.72
CA ALA D 40 -6.50 23.43 -12.11
C ALA D 40 -7.59 24.37 -12.60
N ALA D 41 -8.17 25.09 -11.66
CA ALA D 41 -9.22 26.06 -11.99
C ALA D 41 -8.73 26.81 -13.23
N SER D 42 -9.28 26.42 -14.38
CA SER D 42 -8.93 27.00 -15.68
C SER D 42 -9.41 26.07 -16.80
N GLN D 43 -9.70 24.82 -16.43
CA GLN D 43 -10.17 23.78 -17.33
C GLN D 43 -9.89 23.99 -18.80
N ARG D 44 -8.61 24.05 -19.18
CA ARG D 44 -8.28 24.22 -20.60
C ARG D 44 -6.85 23.77 -20.89
N MET D 45 -6.64 23.25 -22.09
CA MET D 45 -5.32 22.78 -22.50
C MET D 45 -4.32 23.92 -22.65
N GLU D 46 -3.71 24.30 -21.54
CA GLU D 46 -2.72 25.37 -21.54
C GLU D 46 -1.41 24.88 -22.14
N PRO D 47 -0.67 25.79 -22.80
CA PRO D 47 0.62 25.50 -23.42
C PRO D 47 1.75 25.61 -22.40
N ARG D 48 2.89 25.01 -22.71
CA ARG D 48 4.04 25.04 -21.82
C ARG D 48 5.30 25.20 -22.65
N ALA D 49 5.12 25.55 -23.92
CA ALA D 49 6.25 25.75 -24.83
C ALA D 49 6.01 26.92 -25.78
N PRO D 50 7.02 27.76 -26.01
CA PRO D 50 6.93 28.93 -26.89
C PRO D 50 6.38 28.64 -28.29
N TRP D 51 6.90 27.60 -28.93
CA TRP D 51 6.48 27.27 -30.27
C TRP D 51 5.06 26.74 -30.42
N VAL D 52 4.41 26.38 -29.33
CA VAL D 52 3.05 25.87 -29.48
C VAL D 52 2.02 26.96 -29.54
N GLU D 53 2.27 28.06 -28.83
CA GLU D 53 1.35 29.18 -28.80
C GLU D 53 1.11 29.72 -30.21
N GLN D 54 2.10 29.55 -31.09
CA GLN D 54 1.98 30.01 -32.47
C GLN D 54 0.95 29.11 -33.14
N GLU D 55 -0.09 28.76 -32.37
CA GLU D 55 -1.17 27.89 -32.85
C GLU D 55 -2.51 28.58 -33.00
N GLY D 56 -3.36 27.97 -33.82
CA GLY D 56 -4.68 28.50 -34.11
C GLY D 56 -5.69 28.71 -32.99
N PRO D 57 -6.96 28.91 -33.38
CA PRO D 57 -8.12 29.14 -32.52
C PRO D 57 -8.67 27.85 -31.93
N GLU D 58 -9.08 26.97 -32.84
CA GLU D 58 -9.66 25.68 -32.49
C GLU D 58 -8.68 24.78 -31.74
N TYR D 59 -7.42 24.76 -32.18
CA TYR D 59 -6.43 23.93 -31.52
C TYR D 59 -6.55 24.03 -30.01
N TRP D 60 -6.72 25.25 -29.51
CA TRP D 60 -6.83 25.43 -28.08
C TRP D 60 -8.24 25.30 -27.58
N ASP D 61 -9.08 24.68 -28.40
CA ASP D 61 -10.48 24.44 -28.05
C ASP D 61 -10.75 22.95 -28.22
N ARG D 62 -10.21 22.36 -29.29
CA ARG D 62 -10.36 20.93 -29.56
C ARG D 62 -9.76 20.18 -28.37
N GLU D 63 -8.47 20.37 -28.18
CA GLU D 63 -7.75 19.73 -27.09
C GLU D 63 -8.45 19.96 -25.76
N THR D 64 -8.93 21.17 -25.53
CA THR D 64 -9.62 21.49 -24.28
C THR D 64 -10.83 20.60 -24.11
N ARG D 65 -11.65 20.51 -25.17
CA ARG D 65 -12.84 19.67 -25.13
C ARG D 65 -12.39 18.29 -24.68
N ASN D 66 -11.44 17.72 -25.40
CA ASN D 66 -10.92 16.40 -25.06
C ASN D 66 -10.72 16.21 -23.58
N MET D 67 -9.91 17.09 -23.00
CA MET D 67 -9.62 16.99 -21.59
C MET D 67 -10.91 17.17 -20.79
N LYS D 68 -11.92 17.76 -21.41
CA LYS D 68 -13.20 17.93 -20.74
C LYS D 68 -13.81 16.52 -20.69
N THR D 69 -14.10 15.99 -21.88
CA THR D 69 -14.68 14.67 -21.98
C THR D 69 -13.79 13.64 -21.29
N GLU D 70 -12.49 13.88 -21.29
CA GLU D 70 -11.55 12.97 -20.66
C GLU D 70 -11.68 13.06 -19.14
N THR D 71 -11.88 14.27 -18.64
CA THR D 71 -12.06 14.50 -17.20
C THR D 71 -13.44 13.96 -16.85
N GLN D 72 -14.24 13.75 -17.89
CA GLN D 72 -15.59 13.23 -17.78
C GLN D 72 -15.61 11.72 -17.50
N ASN D 73 -14.94 10.95 -18.35
CA ASN D 73 -14.88 9.49 -18.22
C ASN D 73 -14.14 9.01 -16.98
N ALA D 74 -13.11 9.77 -16.60
CA ALA D 74 -12.31 9.46 -15.42
C ALA D 74 -13.06 8.70 -14.33
N PRO D 75 -14.20 9.23 -13.85
CA PRO D 75 -14.96 8.53 -12.80
C PRO D 75 -15.47 7.18 -13.27
N VAL D 76 -15.79 7.11 -14.56
CA VAL D 76 -16.31 5.88 -15.16
C VAL D 76 -15.27 4.78 -15.31
N ASN D 77 -14.18 5.07 -16.02
CA ASN D 77 -13.12 4.09 -16.21
C ASN D 77 -12.68 3.55 -14.87
N LEU D 78 -12.69 4.41 -13.86
CA LEU D 78 -12.29 4.01 -12.52
C LEU D 78 -13.34 3.11 -11.88
N ARG D 79 -14.61 3.54 -11.87
CA ARG D 79 -15.67 2.74 -11.28
C ARG D 79 -15.67 1.36 -11.90
N THR D 80 -15.46 1.32 -13.20
CA THR D 80 -15.42 0.07 -13.94
C THR D 80 -14.25 -0.80 -13.49
N LEU D 81 -13.08 -0.18 -13.32
CA LEU D 81 -11.88 -0.90 -12.88
C LEU D 81 -12.09 -1.47 -11.49
N LEU D 82 -12.84 -0.74 -10.68
CA LEU D 82 -13.09 -1.20 -9.34
C LEU D 82 -13.95 -2.46 -9.47
N ARG D 83 -14.85 -2.45 -10.45
CA ARG D 83 -15.74 -3.57 -10.69
C ARG D 83 -14.91 -4.80 -11.05
N TYR D 84 -14.23 -4.75 -12.19
CA TYR D 84 -13.39 -5.85 -12.63
C TYR D 84 -12.55 -6.47 -11.53
N TYR D 85 -11.90 -5.64 -10.72
CA TYR D 85 -11.05 -6.15 -9.65
C TYR D 85 -11.81 -6.50 -8.37
N ASN D 86 -13.11 -6.19 -8.33
CA ASN D 86 -13.94 -6.53 -7.18
C ASN D 86 -13.46 -5.83 -5.91
N GLN D 87 -13.30 -4.51 -5.99
CA GLN D 87 -12.83 -3.75 -4.85
C GLN D 87 -13.84 -2.75 -4.31
N SER D 88 -13.49 -2.08 -3.22
CA SER D 88 -14.36 -1.13 -2.57
C SER D 88 -14.20 0.30 -3.04
N GLU D 89 -15.25 1.10 -2.84
CA GLU D 89 -15.20 2.52 -3.21
C GLU D 89 -14.47 3.22 -2.08
N ALA D 90 -14.02 2.44 -1.10
CA ALA D 90 -13.32 2.98 0.04
C ALA D 90 -12.00 3.62 -0.37
N GLY D 91 -11.03 2.77 -0.72
CA GLY D 91 -9.72 3.24 -1.10
C GLY D 91 -9.60 4.16 -2.29
N SER D 92 -8.37 4.66 -2.50
CA SER D 92 -8.08 5.56 -3.60
C SER D 92 -7.29 4.77 -4.63
N HIS D 93 -7.55 5.02 -5.91
CA HIS D 93 -6.87 4.31 -6.99
C HIS D 93 -6.41 5.23 -8.10
N THR D 94 -5.47 4.75 -8.91
CA THR D 94 -4.94 5.54 -10.01
C THR D 94 -5.10 4.78 -11.32
N LEU D 95 -5.23 5.52 -12.42
CA LEU D 95 -5.35 4.90 -13.75
C LEU D 95 -4.50 5.74 -14.69
N GLN D 96 -3.37 5.20 -15.11
CA GLN D 96 -2.49 5.98 -15.99
C GLN D 96 -2.56 5.52 -17.44
N ARG D 97 -2.42 6.48 -18.35
CA ARG D 97 -2.47 6.16 -19.78
C ARG D 97 -1.35 6.88 -20.53
N MET D 98 -0.70 6.13 -21.42
CA MET D 98 0.40 6.68 -22.20
C MET D 98 0.14 6.37 -23.68
N VAL D 99 -0.09 7.42 -24.46
CA VAL D 99 -0.36 7.26 -25.89
C VAL D 99 0.63 8.13 -26.61
N GLY D 100 0.97 7.73 -27.83
CA GLY D 100 1.90 8.50 -28.61
C GLY D 100 2.50 7.68 -29.73
N CYS D 101 3.52 8.24 -30.38
CA CYS D 101 4.17 7.56 -31.48
C CYS D 101 5.62 8.00 -31.60
N ASP D 102 6.42 7.20 -32.30
CA ASP D 102 7.82 7.52 -32.54
C ASP D 102 8.01 7.50 -34.03
N LEU D 103 8.94 8.30 -34.53
CA LEU D 103 9.21 8.34 -35.95
C LEU D 103 10.71 8.20 -36.12
N GLY D 104 11.11 7.50 -37.17
CA GLY D 104 12.52 7.33 -37.43
C GLY D 104 12.99 8.51 -38.25
N PRO D 105 14.30 8.71 -38.38
CA PRO D 105 14.79 9.85 -39.16
C PRO D 105 14.38 9.66 -40.61
N ASP D 106 13.23 10.19 -40.98
CA ASP D 106 12.70 10.09 -42.35
C ASP D 106 11.26 10.57 -42.37
N GLY D 107 10.55 10.35 -41.27
CA GLY D 107 9.17 10.79 -41.19
C GLY D 107 8.17 9.70 -40.85
N ARG D 108 8.27 8.56 -41.51
CA ARG D 108 7.34 7.47 -41.25
C ARG D 108 7.33 6.95 -39.82
N LEU D 109 6.19 6.36 -39.44
CA LEU D 109 5.99 5.80 -38.10
C LEU D 109 6.96 4.66 -37.85
N LEU D 110 7.50 4.62 -36.64
CA LEU D 110 8.46 3.59 -36.23
C LEU D 110 7.78 2.71 -35.20
N ARG D 111 6.81 3.30 -34.53
CA ARG D 111 6.05 2.61 -33.50
C ARG D 111 4.98 3.54 -32.94
N GLY D 112 3.89 2.95 -32.46
CA GLY D 112 2.80 3.71 -31.87
C GLY D 112 2.53 3.14 -30.51
N TYR D 113 2.04 3.96 -29.58
CA TYR D 113 1.75 3.47 -28.23
C TYR D 113 0.36 3.76 -27.76
N GLU D 114 -0.06 3.00 -26.77
CA GLU D 114 -1.38 3.11 -26.17
C GLU D 114 -1.42 2.02 -25.13
N GLN D 115 -1.29 2.39 -23.87
CA GLN D 115 -1.30 1.41 -22.81
C GLN D 115 -1.69 2.06 -21.51
N TYR D 116 -2.31 1.27 -20.64
CA TYR D 116 -2.74 1.80 -19.36
C TYR D 116 -2.14 1.00 -18.21
N ALA D 117 -2.21 1.58 -17.01
CA ALA D 117 -1.71 0.92 -15.81
C ALA D 117 -2.65 1.29 -14.65
N TYR D 118 -2.98 0.29 -13.83
CA TYR D 118 -3.87 0.51 -12.69
C TYR D 118 -3.12 0.40 -11.37
N ASP D 119 -3.10 1.50 -10.63
CA ASP D 119 -2.41 1.57 -9.37
C ASP D 119 -0.94 1.21 -9.55
N GLY D 120 -0.33 1.74 -10.61
CA GLY D 120 1.09 1.48 -10.79
C GLY D 120 1.51 0.29 -11.63
N LYS D 121 0.77 -0.81 -11.58
CA LYS D 121 1.13 -1.98 -12.38
C LYS D 121 0.45 -1.88 -13.74
N ASP D 122 0.82 -2.77 -14.66
CA ASP D 122 0.24 -2.77 -16.00
C ASP D 122 -1.22 -3.17 -16.03
N TYR D 123 -1.91 -2.75 -17.07
CA TYR D 123 -3.33 -3.08 -17.23
C TYR D 123 -3.68 -3.65 -18.60
N ILE D 124 -3.58 -2.81 -19.63
CA ILE D 124 -3.88 -3.25 -20.98
C ILE D 124 -2.96 -2.45 -21.91
N ALA D 125 -2.55 -3.05 -23.02
CA ALA D 125 -1.66 -2.34 -23.94
C ALA D 125 -1.82 -2.77 -25.38
N LEU D 126 -1.90 -1.79 -26.28
CA LEU D 126 -2.01 -2.09 -27.68
C LEU D 126 -0.65 -2.66 -28.05
N ASN D 127 -0.63 -3.81 -28.73
CA ASN D 127 0.62 -4.44 -29.16
C ASN D 127 1.27 -3.67 -30.30
N GLU D 128 2.57 -3.85 -30.45
CA GLU D 128 3.34 -3.18 -31.50
C GLU D 128 2.71 -3.24 -32.90
N ASP D 129 1.85 -4.23 -33.12
CA ASP D 129 1.20 -4.40 -34.41
C ASP D 129 0.03 -3.46 -34.53
N LEU D 130 -0.26 -2.76 -33.45
CA LEU D 130 -1.37 -1.83 -33.46
C LEU D 130 -2.64 -2.57 -33.91
N ARG D 131 -2.68 -3.89 -33.71
CA ARG D 131 -3.85 -4.67 -34.10
C ARG D 131 -4.31 -5.68 -33.03
N SER D 132 -3.42 -6.05 -32.11
CA SER D 132 -3.77 -7.00 -31.06
C SER D 132 -3.55 -6.41 -29.67
N TRP D 133 -4.13 -7.03 -28.65
CA TRP D 133 -3.98 -6.52 -27.29
C TRP D 133 -3.29 -7.48 -26.33
N THR D 134 -2.75 -6.94 -25.24
CA THR D 134 -2.08 -7.75 -24.22
C THR D 134 -2.59 -7.33 -22.85
N ALA D 135 -3.24 -8.23 -22.15
CA ALA D 135 -3.78 -7.90 -20.85
C ALA D 135 -2.94 -8.42 -19.68
N ALA D 136 -2.73 -7.54 -18.71
CA ALA D 136 -1.94 -7.85 -17.53
C ALA D 136 -2.47 -9.01 -16.70
N ASP D 137 -3.76 -9.03 -16.43
CA ASP D 137 -4.32 -10.12 -15.63
C ASP D 137 -5.75 -10.44 -16.04
N VAL D 138 -6.36 -11.42 -15.37
CA VAL D 138 -7.72 -11.83 -15.71
C VAL D 138 -8.71 -10.67 -15.71
N ALA D 139 -8.49 -9.72 -14.81
CA ALA D 139 -9.37 -8.55 -14.70
C ALA D 139 -9.25 -7.70 -15.95
N ALA D 140 -8.01 -7.38 -16.33
CA ALA D 140 -7.78 -6.58 -17.53
C ALA D 140 -8.30 -7.28 -18.80
N GLN D 141 -8.37 -8.60 -18.76
CA GLN D 141 -8.86 -9.35 -19.92
C GLN D 141 -10.26 -8.89 -20.32
N ASN D 142 -11.01 -8.36 -19.35
CA ASN D 142 -12.35 -7.85 -19.62
C ASN D 142 -12.22 -6.81 -20.71
N THR D 143 -11.51 -5.72 -20.39
CA THR D 143 -11.32 -4.66 -21.36
C THR D 143 -10.75 -5.22 -22.65
N GLN D 144 -9.80 -6.14 -22.54
CA GLN D 144 -9.18 -6.69 -23.75
C GLN D 144 -10.20 -7.24 -24.71
N ARG D 145 -11.20 -7.94 -24.20
CA ARG D 145 -12.16 -8.49 -25.12
C ARG D 145 -13.27 -7.47 -25.41
N LYS D 146 -13.38 -6.48 -24.54
CA LYS D 146 -14.37 -5.43 -24.72
C LYS D 146 -13.94 -4.64 -25.95
N TRP D 147 -12.65 -4.41 -26.03
CA TRP D 147 -12.07 -3.66 -27.15
C TRP D 147 -11.90 -4.51 -28.39
N GLU D 148 -11.64 -5.81 -28.22
CA GLU D 148 -11.49 -6.69 -29.38
C GLU D 148 -12.82 -6.62 -30.12
N ALA D 149 -13.89 -6.83 -29.37
CA ALA D 149 -15.25 -6.80 -29.87
C ALA D 149 -15.56 -5.56 -30.70
N ALA D 150 -15.56 -4.41 -30.02
CA ALA D 150 -15.86 -3.13 -30.65
C ALA D 150 -14.73 -2.55 -31.48
N ASP D 151 -13.92 -3.42 -32.07
CA ASP D 151 -12.79 -3.00 -32.91
C ASP D 151 -12.12 -1.71 -32.47
N VAL D 152 -11.88 -1.59 -31.16
CA VAL D 152 -11.25 -0.42 -30.58
C VAL D 152 -9.81 -0.25 -31.06
N ALA D 153 -9.20 -1.36 -31.48
CA ALA D 153 -7.82 -1.34 -31.94
C ALA D 153 -7.70 -0.68 -33.30
N GLU D 154 -8.83 -0.24 -33.83
CA GLU D 154 -8.86 0.42 -35.13
C GLU D 154 -8.82 1.91 -34.91
N SER D 155 -9.66 2.38 -33.98
CA SER D 155 -9.74 3.79 -33.65
C SER D 155 -8.34 4.26 -33.29
N MET D 156 -7.76 3.57 -32.32
CA MET D 156 -6.43 3.91 -31.87
C MET D 156 -5.45 3.76 -32.99
N ARG D 157 -5.40 2.57 -33.58
CA ARG D 157 -4.48 2.31 -34.68
C ARG D 157 -4.58 3.40 -35.76
N ALA D 158 -5.77 3.96 -35.95
CA ALA D 158 -5.97 4.99 -36.97
C ALA D 158 -5.32 6.30 -36.56
N TYR D 159 -5.47 6.63 -35.29
CA TYR D 159 -4.88 7.84 -34.73
C TYR D 159 -3.36 7.81 -34.80
N LEU D 160 -2.79 6.69 -34.38
CA LEU D 160 -1.35 6.51 -34.37
C LEU D 160 -0.70 6.66 -35.73
N GLU D 161 -1.17 5.92 -36.73
CA GLU D 161 -0.57 6.02 -38.06
C GLU D 161 -1.10 7.26 -38.78
N GLY D 162 -2.21 7.80 -38.27
CA GLY D 162 -2.80 8.99 -38.86
C GLY D 162 -2.30 10.25 -38.18
N GLN D 163 -3.16 10.91 -37.41
CA GLN D 163 -2.83 12.15 -36.69
C GLN D 163 -1.40 12.24 -36.15
N CYS D 164 -1.10 11.40 -35.14
CA CYS D 164 0.20 11.38 -34.49
C CYS D 164 1.37 11.56 -35.48
N VAL D 165 1.42 10.73 -36.51
CA VAL D 165 2.49 10.82 -37.49
C VAL D 165 2.42 12.16 -38.24
N GLU D 166 1.22 12.70 -38.35
CA GLU D 166 1.00 13.96 -39.06
C GLU D 166 1.43 15.17 -38.23
N TRP D 167 0.85 15.31 -37.03
CA TRP D 167 1.13 16.44 -36.15
C TRP D 167 2.53 16.63 -35.60
N LEU D 168 3.18 15.57 -35.16
CA LEU D 168 4.53 15.74 -34.62
C LEU D 168 5.43 16.57 -35.54
N PRO D 169 5.46 16.25 -36.84
CA PRO D 169 6.30 16.99 -37.79
C PRO D 169 6.08 18.50 -37.80
N ARG D 170 4.86 18.95 -37.48
CA ARG D 170 4.60 20.39 -37.48
C ARG D 170 5.14 21.03 -36.21
N TYR D 171 5.02 20.31 -35.09
CA TYR D 171 5.53 20.84 -33.84
C TYR D 171 7.03 20.97 -34.00
N LEU D 172 7.63 20.01 -34.71
CA LEU D 172 9.07 20.03 -34.94
C LEU D 172 9.51 21.24 -35.76
N GLU D 173 8.73 21.59 -36.77
CA GLU D 173 9.03 22.74 -37.63
C GLU D 173 8.87 24.03 -36.83
N LYS D 174 7.77 24.14 -36.11
CA LYS D 174 7.51 25.31 -35.29
C LYS D 174 8.64 25.55 -34.29
N GLY D 175 8.90 24.57 -33.42
CA GLY D 175 9.97 24.69 -32.44
C GLY D 175 11.27 24.21 -33.05
N LYS D 176 11.39 24.41 -34.35
CA LYS D 176 12.55 24.02 -35.12
C LYS D 176 13.87 24.21 -34.39
N GLU D 177 14.19 25.46 -34.06
CA GLU D 177 15.44 25.81 -33.41
C GLU D 177 15.64 25.36 -31.97
N THR D 178 14.69 24.63 -31.40
CA THR D 178 14.84 24.15 -30.03
C THR D 178 14.72 22.63 -30.02
N LEU D 179 13.57 22.14 -30.46
CA LEU D 179 13.32 20.71 -30.51
C LEU D 179 14.32 19.99 -31.39
N GLN D 180 14.81 20.67 -32.41
CA GLN D 180 15.78 20.06 -33.31
C GLN D 180 17.21 20.54 -33.10
N ARG D 181 17.49 21.08 -31.93
CA ARG D 181 18.83 21.54 -31.61
C ARG D 181 19.48 20.53 -30.68
N THR D 182 20.77 20.69 -30.43
CA THR D 182 21.46 19.78 -29.54
C THR D 182 22.65 20.39 -28.82
N ASP D 183 22.40 20.95 -27.65
CA ASP D 183 23.49 21.52 -26.86
C ASP D 183 24.13 20.35 -26.15
N PRO D 184 25.38 20.02 -26.52
CA PRO D 184 26.10 18.91 -25.89
C PRO D 184 26.32 19.18 -24.41
N PRO D 185 26.79 18.19 -23.66
CA PRO D 185 26.98 18.46 -22.24
C PRO D 185 28.31 19.16 -21.95
N LYS D 186 28.28 20.07 -20.98
CA LYS D 186 29.48 20.76 -20.56
C LYS D 186 29.97 19.79 -19.47
N THR D 187 31.20 19.32 -19.60
CA THR D 187 31.73 18.36 -18.66
C THR D 187 33.03 18.79 -18.00
N HIS D 188 33.29 18.24 -16.83
CA HIS D 188 34.51 18.52 -16.08
C HIS D 188 34.52 17.52 -14.95
N VAL D 189 35.70 17.26 -14.38
CA VAL D 189 35.79 16.28 -13.31
C VAL D 189 36.21 16.91 -11.99
N THR D 190 35.54 16.54 -10.91
CA THR D 190 35.86 17.07 -9.60
C THR D 190 36.42 15.97 -8.71
N HIS D 191 37.29 16.35 -7.79
CA HIS D 191 37.96 15.42 -6.90
C HIS D 191 37.58 15.67 -5.44
N HIS D 192 37.06 14.63 -4.79
CA HIS D 192 36.63 14.73 -3.40
C HIS D 192 37.22 13.64 -2.51
N PRO D 193 38.20 13.99 -1.66
CA PRO D 193 38.81 13.01 -0.76
C PRO D 193 37.79 12.44 0.20
N VAL D 194 37.93 11.16 0.52
CA VAL D 194 37.01 10.52 1.44
C VAL D 194 37.79 9.83 2.56
N SER D 195 38.84 9.13 2.17
CA SER D 195 39.68 8.39 3.11
C SER D 195 41.08 8.99 2.96
N ASP D 196 42.06 8.42 3.65
CA ASP D 196 43.43 8.88 3.55
C ASP D 196 44.00 8.25 2.30
N HIS D 197 43.42 7.12 1.94
CA HIS D 197 43.87 6.38 0.76
C HIS D 197 42.76 6.26 -0.26
N GLU D 198 41.85 7.24 -0.28
CA GLU D 198 40.75 7.19 -1.21
C GLU D 198 40.08 8.52 -1.47
N ALA D 199 39.78 8.76 -2.75
CA ALA D 199 39.11 9.99 -3.17
C ALA D 199 38.02 9.61 -4.16
N THR D 200 36.99 10.43 -4.21
CA THR D 200 35.87 10.20 -5.11
C THR D 200 36.00 11.12 -6.32
N LEU D 201 36.25 10.53 -7.49
CA LEU D 201 36.34 11.33 -8.72
C LEU D 201 34.91 11.46 -9.22
N ARG D 202 34.48 12.69 -9.48
CA ARG D 202 33.14 12.86 -9.98
C ARG D 202 33.15 13.50 -11.37
N CYS D 203 32.54 12.80 -12.31
CA CYS D 203 32.45 13.28 -13.66
C CYS D 203 31.13 14.01 -13.84
N TRP D 204 31.20 15.27 -14.24
CA TRP D 204 29.97 16.03 -14.43
C TRP D 204 29.62 16.23 -15.89
N ALA D 205 28.33 16.35 -16.15
CA ALA D 205 27.84 16.59 -17.50
C ALA D 205 26.56 17.38 -17.31
N LEU D 206 26.54 18.63 -17.76
CA LEU D 206 25.31 19.39 -17.59
C LEU D 206 24.97 20.46 -18.65
N GLY D 207 23.70 20.87 -18.64
CA GLY D 207 23.20 21.88 -19.57
C GLY D 207 23.00 21.30 -20.96
N PHE D 208 22.71 20.00 -21.03
CA PHE D 208 22.53 19.30 -22.30
C PHE D 208 21.09 18.91 -22.63
N TYR D 209 20.85 18.62 -23.92
CA TYR D 209 19.55 18.20 -24.45
C TYR D 209 19.79 17.60 -25.83
N PRO D 210 19.08 16.52 -26.18
CA PRO D 210 18.06 15.81 -25.39
C PRO D 210 18.63 15.21 -24.12
N ALA D 211 17.77 14.57 -23.34
CA ALA D 211 18.17 13.99 -22.07
C ALA D 211 19.05 12.76 -22.13
N GLU D 212 19.03 12.04 -23.25
CA GLU D 212 19.84 10.82 -23.37
C GLU D 212 21.35 11.04 -23.35
N ILE D 213 22.03 10.41 -22.41
CA ILE D 213 23.47 10.56 -22.35
C ILE D 213 24.08 9.29 -21.76
N THR D 214 25.40 9.23 -21.76
CA THR D 214 26.12 8.09 -21.19
C THR D 214 27.43 8.53 -20.58
N LEU D 215 27.50 8.43 -19.25
CA LEU D 215 28.72 8.78 -18.53
C LEU D 215 29.29 7.48 -18.03
N THR D 216 30.55 7.21 -18.34
CA THR D 216 31.16 5.98 -17.90
C THR D 216 32.61 6.20 -17.44
N TRP D 217 32.96 5.58 -16.33
CA TRP D 217 34.30 5.72 -15.78
C TRP D 217 35.18 4.54 -16.18
N GLN D 218 36.40 4.84 -16.63
CA GLN D 218 37.35 3.82 -17.03
C GLN D 218 38.63 3.86 -16.22
N ARG D 219 39.30 2.73 -16.13
CA ARG D 219 40.54 2.62 -15.40
C ARG D 219 41.47 1.84 -16.30
N ASP D 220 42.49 2.52 -16.80
CA ASP D 220 43.44 1.92 -17.71
C ASP D 220 42.69 1.64 -19.01
N GLY D 221 41.51 2.23 -19.12
CA GLY D 221 40.68 2.07 -20.29
C GLY D 221 39.70 0.92 -20.22
N GLU D 222 39.37 0.47 -19.01
CA GLU D 222 38.45 -0.64 -18.87
C GLU D 222 37.15 -0.29 -18.17
N ASP D 223 36.06 -0.38 -18.90
CA ASP D 223 34.71 -0.10 -18.40
C ASP D 223 34.58 -0.49 -16.93
N GLN D 224 34.46 0.51 -16.04
CA GLN D 224 34.35 0.27 -14.60
C GLN D 224 32.95 0.36 -14.02
N THR D 225 31.97 -0.24 -14.68
CA THR D 225 30.57 -0.20 -14.22
C THR D 225 30.40 -0.48 -12.74
N GLN D 226 30.82 -1.67 -12.33
CA GLN D 226 30.71 -2.12 -10.95
C GLN D 226 30.94 -1.15 -9.80
N ASP D 227 31.95 -0.30 -9.92
CA ASP D 227 32.26 0.66 -8.85
C ASP D 227 31.91 2.09 -9.25
N THR D 228 31.04 2.24 -10.24
CA THR D 228 30.67 3.58 -10.67
C THR D 228 29.29 3.99 -10.23
N GLU D 229 29.19 4.87 -9.23
CA GLU D 229 27.88 5.32 -8.78
C GLU D 229 27.34 6.37 -9.76
N LEU D 230 26.19 6.08 -10.35
CA LEU D 230 25.54 6.98 -11.31
C LEU D 230 24.22 7.52 -10.85
N VAL D 231 24.16 8.82 -10.61
CA VAL D 231 22.94 9.47 -10.20
C VAL D 231 21.97 9.42 -11.38
N GLU D 232 20.68 9.49 -11.12
CA GLU D 232 19.69 9.47 -12.19
C GLU D 232 19.72 10.80 -12.92
N THR D 233 19.54 10.78 -14.24
CA THR D 233 19.55 12.01 -15.01
C THR D 233 18.44 12.95 -14.54
N ARG D 234 18.83 14.14 -14.11
CA ARG D 234 17.89 15.14 -13.59
C ARG D 234 17.76 16.36 -14.50
N PRO D 235 16.66 17.12 -14.34
CA PRO D 235 16.35 18.31 -15.12
C PRO D 235 16.91 19.58 -14.49
N ALA D 236 17.62 20.37 -15.28
CA ALA D 236 18.18 21.62 -14.78
C ALA D 236 17.02 22.54 -14.44
N GLY D 237 15.87 22.26 -15.05
CA GLY D 237 14.70 23.08 -14.78
C GLY D 237 14.58 24.21 -15.77
N ASP D 238 15.45 24.24 -16.76
CA ASP D 238 15.41 25.31 -17.74
C ASP D 238 15.32 24.72 -19.13
N GLY D 239 15.22 23.40 -19.21
CA GLY D 239 15.14 22.74 -20.50
C GLY D 239 16.27 21.75 -20.72
N THR D 240 17.39 21.96 -20.04
CA THR D 240 18.51 21.05 -20.20
C THR D 240 18.54 20.10 -19.01
N PHE D 241 19.38 19.08 -19.09
CA PHE D 241 19.49 18.13 -18.00
C PHE D 241 20.91 18.04 -17.51
N GLN D 242 21.09 17.28 -16.45
CA GLN D 242 22.40 17.10 -15.86
C GLN D 242 22.50 15.69 -15.35
N LYS D 243 23.73 15.25 -15.09
CA LYS D 243 23.95 13.90 -14.61
C LYS D 243 25.41 13.75 -14.24
N TRP D 244 25.70 12.89 -13.26
CA TRP D 244 27.10 12.68 -12.92
C TRP D 244 27.39 11.28 -12.44
N ALA D 245 28.60 10.82 -12.74
CA ALA D 245 29.06 9.49 -12.37
C ALA D 245 30.24 9.62 -11.41
N ALA D 246 30.26 8.78 -10.39
CA ALA D 246 31.33 8.84 -9.42
C ALA D 246 31.99 7.48 -9.22
N VAL D 247 33.26 7.51 -8.86
CA VAL D 247 33.99 6.28 -8.65
C VAL D 247 34.99 6.57 -7.53
N VAL D 248 35.24 5.59 -6.68
CA VAL D 248 36.20 5.80 -5.60
C VAL D 248 37.53 5.20 -6.00
N VAL D 249 38.60 5.95 -5.77
CA VAL D 249 39.90 5.47 -6.17
C VAL D 249 40.97 5.63 -5.09
N PRO D 250 42.06 4.86 -5.18
CA PRO D 250 43.14 4.95 -4.19
C PRO D 250 43.82 6.29 -4.42
N SER D 251 44.44 6.86 -3.39
CA SER D 251 45.12 8.14 -3.57
C SER D 251 46.36 7.93 -4.40
N GLY D 252 46.57 8.83 -5.38
CA GLY D 252 47.72 8.73 -6.25
C GLY D 252 47.40 8.01 -7.54
N GLU D 253 46.36 7.20 -7.52
CA GLU D 253 45.97 6.44 -8.69
C GLU D 253 44.89 7.11 -9.53
N GLU D 254 44.57 8.34 -9.18
CA GLU D 254 43.56 9.08 -9.90
C GLU D 254 43.81 9.01 -11.42
N GLN D 255 45.07 9.17 -11.83
CA GLN D 255 45.44 9.17 -13.26
C GLN D 255 45.20 7.91 -14.08
N ARG D 256 44.64 6.88 -13.46
CA ARG D 256 44.35 5.64 -14.17
C ARG D 256 42.93 5.70 -14.69
N TYR D 257 42.18 6.69 -14.21
CA TYR D 257 40.79 6.78 -14.59
C TYR D 257 40.50 7.85 -15.63
N THR D 258 39.49 7.58 -16.44
CA THR D 258 39.09 8.51 -17.48
C THR D 258 37.59 8.45 -17.61
N CYS D 259 36.98 9.61 -17.81
CA CYS D 259 35.55 9.70 -17.97
C CYS D 259 35.20 9.81 -19.45
N HIS D 260 34.29 8.94 -19.88
CA HIS D 260 33.84 8.91 -21.27
C HIS D 260 32.40 9.33 -21.44
N VAL D 261 32.26 10.60 -21.76
CA VAL D 261 30.96 11.24 -21.97
C VAL D 261 30.49 11.09 -23.41
N GLN D 262 29.36 10.42 -23.59
CA GLN D 262 28.79 10.22 -24.91
C GLN D 262 27.44 10.88 -24.99
N HIS D 263 27.28 11.79 -25.95
CA HIS D 263 26.01 12.49 -26.11
C HIS D 263 25.69 12.65 -27.59
N GLU D 264 24.40 12.78 -27.89
CA GLU D 264 23.93 12.95 -29.26
C GLU D 264 24.56 14.18 -29.92
N GLY D 265 24.93 15.17 -29.13
CA GLY D 265 25.52 16.37 -29.70
C GLY D 265 27.03 16.37 -29.67
N LEU D 266 27.63 15.18 -29.68
CA LEU D 266 29.08 15.07 -29.66
C LEU D 266 29.58 14.11 -30.71
N PRO D 267 30.01 14.66 -31.86
CA PRO D 267 30.53 13.91 -33.00
C PRO D 267 31.54 12.89 -32.52
N LYS D 268 32.29 13.28 -31.49
CA LYS D 268 33.29 12.43 -30.87
C LYS D 268 33.16 12.55 -29.36
N PRO D 269 33.06 11.42 -28.66
CA PRO D 269 32.93 11.37 -27.20
C PRO D 269 33.93 12.22 -26.44
N HIS D 270 33.46 12.91 -25.41
CA HIS D 270 34.34 13.72 -24.58
C HIS D 270 35.14 12.78 -23.69
N THR D 271 36.42 13.07 -23.52
CA THR D 271 37.26 12.26 -22.66
C THR D 271 37.92 13.17 -21.64
N LEU D 272 37.73 12.84 -20.35
CA LEU D 272 38.28 13.66 -19.28
C LEU D 272 38.95 12.80 -18.23
N LYS D 273 39.91 13.41 -17.52
CA LYS D 273 40.60 12.76 -16.42
C LYS D 273 40.79 13.89 -15.42
N TRP D 274 41.14 13.57 -14.19
CA TRP D 274 41.27 14.63 -13.19
C TRP D 274 42.46 15.59 -13.37
N GLU D 275 42.20 16.84 -13.03
CA GLU D 275 43.17 17.92 -13.12
C GLU D 275 43.59 18.45 -11.75
N PRO D 276 44.78 18.06 -11.27
CA PRO D 276 45.25 18.54 -9.98
C PRO D 276 46.06 19.81 -10.25
N HIS D 277 46.12 20.73 -9.29
CA HIS D 277 46.87 21.97 -9.50
C HIS D 277 48.09 22.19 -8.62
N HIS D 278 49.15 21.43 -8.88
CA HIS D 278 50.40 21.53 -8.13
C HIS D 278 50.26 20.94 -6.72
N ILE E 1 3.58 -2.73 -4.76
CA ILE E 1 2.56 -1.74 -5.19
C ILE E 1 3.00 -0.26 -4.90
N GLN E 2 3.43 0.08 -3.67
CA GLN E 2 3.85 1.46 -3.36
C GLN E 2 5.37 1.68 -3.35
N ARG E 3 5.83 2.63 -4.18
CA ARG E 3 7.25 2.97 -4.30
C ARG E 3 7.63 4.28 -3.61
N THR E 4 8.74 4.28 -2.89
CA THR E 4 9.19 5.48 -2.18
C THR E 4 9.96 6.40 -3.13
N PRO E 5 9.71 7.72 -3.05
CA PRO E 5 10.41 8.65 -3.94
C PRO E 5 11.93 8.72 -3.77
N LYS E 6 12.61 8.96 -4.88
CA LYS E 6 14.05 9.09 -4.90
C LYS E 6 14.33 10.59 -4.99
N ILE E 7 14.95 11.12 -3.94
CA ILE E 7 15.24 12.54 -3.84
C ILE E 7 16.58 12.96 -4.44
N GLN E 8 16.65 14.22 -4.84
CA GLN E 8 17.86 14.80 -5.42
C GLN E 8 17.75 16.30 -5.35
N VAL E 9 18.57 16.95 -4.53
CA VAL E 9 18.53 18.39 -4.42
C VAL E 9 19.74 18.92 -5.14
N TYR E 10 19.60 20.07 -5.77
CA TYR E 10 20.71 20.64 -6.50
C TYR E 10 20.27 21.98 -7.06
N SER E 11 21.21 22.71 -7.64
CA SER E 11 20.93 24.02 -8.23
C SER E 11 20.89 23.91 -9.74
N ARG E 12 20.15 24.80 -10.38
CA ARG E 12 20.05 24.79 -11.84
C ARG E 12 21.39 25.10 -12.47
N HIS E 13 22.09 26.03 -11.85
CA HIS E 13 23.39 26.44 -12.34
C HIS E 13 24.46 26.19 -11.30
N PRO E 14 25.71 26.04 -11.75
CA PRO E 14 26.77 25.79 -10.78
C PRO E 14 26.69 26.85 -9.68
N ALA E 15 26.81 26.42 -8.44
CA ALA E 15 26.74 27.35 -7.33
C ALA E 15 27.84 28.41 -7.34
N GLU E 16 27.43 29.64 -7.11
CA GLU E 16 28.37 30.75 -7.03
C GLU E 16 27.91 31.60 -5.86
N ASN E 17 28.62 31.40 -4.74
CA ASN E 17 28.36 32.06 -3.46
C ASN E 17 27.77 33.46 -3.40
N GLY E 18 27.43 34.05 -4.53
CA GLY E 18 26.86 35.39 -4.49
C GLY E 18 25.77 35.69 -5.49
N LYS E 19 25.81 35.00 -6.64
CA LYS E 19 24.83 35.20 -7.71
C LYS E 19 23.52 34.45 -7.55
N SER E 20 22.54 34.84 -8.33
CA SER E 20 21.22 34.22 -8.30
C SER E 20 21.25 32.84 -8.93
N ASN E 21 20.40 31.97 -8.43
CA ASN E 21 20.32 30.60 -8.94
C ASN E 21 18.89 30.10 -8.79
N PHE E 22 18.75 28.78 -8.88
CA PHE E 22 17.46 28.13 -8.72
C PHE E 22 17.70 26.86 -7.94
N LEU E 23 17.01 26.73 -6.82
CA LEU E 23 17.16 25.55 -5.98
C LEU E 23 16.10 24.56 -6.44
N ASN E 24 16.55 23.43 -6.96
CA ASN E 24 15.63 22.40 -7.45
C ASN E 24 15.65 21.18 -6.56
N CYS E 25 14.50 20.56 -6.40
CA CYS E 25 14.37 19.32 -5.65
C CYS E 25 13.67 18.40 -6.61
N TYR E 26 14.37 17.35 -7.03
CA TYR E 26 13.83 16.40 -8.00
C TYR E 26 13.39 15.09 -7.37
N VAL E 27 12.08 14.94 -7.18
CA VAL E 27 11.53 13.72 -6.61
C VAL E 27 11.05 12.86 -7.76
N SER E 28 11.27 11.55 -7.68
CA SER E 28 10.85 10.68 -8.77
C SER E 28 10.81 9.19 -8.43
N GLY E 29 10.20 8.43 -9.33
CA GLY E 29 10.10 6.99 -9.16
C GLY E 29 9.21 6.63 -8.01
N PHE E 30 8.19 7.45 -7.76
CA PHE E 30 7.28 7.15 -6.66
C PHE E 30 5.87 6.83 -7.12
N HIS E 31 5.12 6.19 -6.22
CA HIS E 31 3.73 5.84 -6.45
C HIS E 31 3.10 5.48 -5.11
N PRO E 32 1.88 5.99 -4.84
CA PRO E 32 1.05 6.87 -5.68
C PRO E 32 1.68 8.23 -5.93
N SER E 33 0.95 9.08 -6.63
CA SER E 33 1.47 10.40 -6.94
C SER E 33 1.23 11.43 -5.85
N ASP E 34 0.47 11.07 -4.82
CA ASP E 34 0.24 12.00 -3.73
C ASP E 34 1.56 12.31 -3.04
N ILE E 35 1.96 13.57 -3.02
CA ILE E 35 3.22 13.91 -2.36
C ILE E 35 3.31 15.39 -1.97
N GLU E 36 3.94 15.65 -0.84
CA GLU E 36 4.13 17.02 -0.39
C GLU E 36 5.64 17.23 -0.34
N VAL E 37 6.13 18.27 -1.01
CA VAL E 37 7.56 18.58 -1.09
C VAL E 37 7.86 20.03 -0.72
N ASP E 38 8.78 20.23 0.22
CA ASP E 38 9.15 21.58 0.65
C ASP E 38 10.59 21.92 0.34
N LEU E 39 10.90 23.22 0.37
CA LEU E 39 12.25 23.71 0.15
C LEU E 39 12.60 24.61 1.33
N LEU E 40 13.62 24.22 2.08
CA LEU E 40 13.99 24.96 3.28
C LEU E 40 15.22 25.85 3.22
N LYS E 41 15.15 26.95 3.95
CA LYS E 41 16.24 27.91 4.04
C LYS E 41 16.62 27.97 5.51
N ASN E 42 17.72 27.32 5.86
CA ASN E 42 18.19 27.29 7.24
C ASN E 42 17.24 26.53 8.16
N GLY E 43 16.02 26.32 7.71
CA GLY E 43 15.06 25.59 8.51
C GLY E 43 13.64 25.94 8.14
N GLU E 44 13.41 27.21 7.82
CA GLU E 44 12.08 27.68 7.47
C GLU E 44 11.64 27.35 6.06
N ARG E 45 10.39 26.92 5.93
CA ARG E 45 9.83 26.55 4.64
C ARG E 45 9.72 27.74 3.68
N ILE E 46 10.59 27.77 2.67
CA ILE E 46 10.55 28.83 1.66
C ILE E 46 9.12 28.92 1.13
N GLU E 47 8.71 30.07 0.59
CA GLU E 47 7.33 30.22 0.14
C GLU E 47 6.94 30.11 -1.35
N LYS E 48 7.37 31.05 -2.17
CA LYS E 48 7.03 31.05 -3.59
C LYS E 48 7.35 29.74 -4.33
N VAL E 49 7.85 28.73 -3.62
CA VAL E 49 8.21 27.44 -4.20
C VAL E 49 7.19 26.91 -5.20
N GLU E 50 7.68 26.54 -6.39
CA GLU E 50 6.84 26.02 -7.45
C GLU E 50 7.13 24.56 -7.79
N HIS E 51 6.58 24.09 -8.91
CA HIS E 51 6.78 22.71 -9.34
C HIS E 51 6.31 22.44 -10.77
N SER E 52 6.84 21.38 -11.36
CA SER E 52 6.48 20.97 -12.71
C SER E 52 5.17 20.20 -12.68
N ASP E 53 4.46 20.19 -13.81
CA ASP E 53 3.19 19.49 -13.92
C ASP E 53 3.43 17.99 -13.92
N LEU E 54 2.66 17.29 -13.08
CA LEU E 54 2.74 15.86 -12.92
C LEU E 54 2.98 15.09 -14.20
N SER E 55 3.89 14.14 -14.14
CA SER E 55 4.24 13.33 -15.29
C SER E 55 4.88 12.05 -14.77
N PHE E 56 5.09 11.08 -15.64
CA PHE E 56 5.69 9.85 -15.20
C PHE E 56 6.56 9.24 -16.27
N SER E 57 7.46 8.37 -15.82
CA SER E 57 8.40 7.68 -16.69
C SER E 57 7.85 6.37 -17.20
N LYS E 58 8.61 5.75 -18.10
CA LYS E 58 8.25 4.50 -18.74
C LYS E 58 7.76 3.37 -17.85
N ASP E 59 8.11 3.38 -16.57
CA ASP E 59 7.64 2.30 -15.72
C ASP E 59 6.43 2.68 -14.89
N TRP E 60 5.79 3.79 -15.24
CA TRP E 60 4.62 4.29 -14.53
C TRP E 60 4.94 4.99 -13.21
N SER E 61 6.19 5.40 -13.03
CA SER E 61 6.60 6.10 -11.82
C SER E 61 6.34 7.57 -12.06
N PHE E 62 5.87 8.28 -11.03
CA PHE E 62 5.64 9.72 -11.20
C PHE E 62 6.91 10.48 -10.82
N TYR E 63 7.08 11.65 -11.40
CA TYR E 63 8.23 12.47 -11.07
C TYR E 63 7.86 13.94 -11.21
N LEU E 64 8.18 14.72 -10.18
CA LEU E 64 7.91 16.16 -10.15
C LEU E 64 9.18 16.91 -9.87
N LEU E 65 9.23 18.17 -10.29
CA LEU E 65 10.38 19.02 -10.03
C LEU E 65 9.91 20.23 -9.23
N TYR E 66 10.60 20.54 -8.14
CA TYR E 66 10.25 21.69 -7.30
C TYR E 66 11.37 22.72 -7.37
N TYR E 67 11.13 23.83 -8.06
CA TYR E 67 12.13 24.89 -8.23
C TYR E 67 11.79 26.22 -7.57
N THR E 68 12.79 26.82 -6.91
CA THR E 68 12.62 28.10 -6.22
C THR E 68 13.79 29.05 -6.46
N GLU E 69 13.48 30.31 -6.69
CA GLU E 69 14.50 31.32 -6.94
C GLU E 69 15.30 31.55 -5.65
N PHE E 70 16.61 31.35 -5.72
CA PHE E 70 17.43 31.54 -4.53
C PHE E 70 18.86 32.00 -4.85
N THR E 71 19.61 32.31 -3.80
CA THR E 71 20.99 32.75 -3.94
C THR E 71 21.86 32.14 -2.85
N PRO E 72 22.74 31.21 -3.22
CA PRO E 72 23.63 30.55 -2.27
C PRO E 72 24.62 31.49 -1.57
N THR E 73 24.96 31.19 -0.32
CA THR E 73 25.87 32.00 0.46
C THR E 73 26.81 31.11 1.26
N GLU E 74 27.63 31.70 2.11
CA GLU E 74 28.53 30.92 2.91
C GLU E 74 27.85 30.43 4.18
N LYS E 75 27.17 31.35 4.86
CA LYS E 75 26.47 31.03 6.10
C LYS E 75 25.21 30.20 5.89
N ASP E 76 24.35 30.63 4.97
CA ASP E 76 23.09 29.96 4.69
C ASP E 76 23.12 28.50 4.25
N GLU E 77 22.09 27.75 4.63
CA GLU E 77 21.96 26.35 4.27
C GLU E 77 20.60 26.14 3.61
N TYR E 78 20.49 25.10 2.78
CA TYR E 78 19.23 24.81 2.10
C TYR E 78 18.93 23.33 2.13
N ALA E 79 17.65 22.99 1.99
CA ALA E 79 17.28 21.60 2.01
C ALA E 79 15.97 21.31 1.30
N CYS E 80 15.73 20.03 1.08
CA CYS E 80 14.49 19.58 0.46
C CYS E 80 13.85 18.68 1.51
N ARG E 81 12.59 18.97 1.82
CA ARG E 81 11.85 18.16 2.78
C ARG E 81 10.70 17.50 2.01
N VAL E 82 10.73 16.17 1.98
CA VAL E 82 9.72 15.42 1.27
C VAL E 82 8.94 14.52 2.22
N ASN E 83 7.66 14.35 1.93
CA ASN E 83 6.83 13.48 2.74
C ASN E 83 5.95 12.68 1.79
N HIS E 84 5.85 11.38 2.06
CA HIS E 84 5.08 10.47 1.24
C HIS E 84 4.52 9.35 2.12
N VAL E 85 3.45 8.71 1.66
CA VAL E 85 2.81 7.65 2.42
C VAL E 85 3.76 6.51 2.74
N THR E 86 4.89 6.47 2.04
CA THR E 86 5.88 5.42 2.29
C THR E 86 6.95 5.87 3.29
N LEU E 87 6.82 7.09 3.80
CA LEU E 87 7.79 7.64 4.76
C LEU E 87 7.10 7.93 6.11
N SER E 88 7.42 7.13 7.13
CA SER E 88 6.80 7.33 8.45
C SER E 88 7.02 8.74 9.01
N GLN E 89 7.79 9.56 8.29
CA GLN E 89 8.04 10.94 8.68
C GLN E 89 8.85 11.62 7.59
N PRO E 90 8.73 12.94 7.48
CA PRO E 90 9.46 13.69 6.45
C PRO E 90 10.94 13.33 6.35
N LYS E 91 11.42 13.15 5.13
CA LYS E 91 12.81 12.86 4.93
C LYS E 91 13.35 14.20 4.44
N ILE E 92 14.52 14.57 4.94
CA ILE E 92 15.15 15.83 4.57
C ILE E 92 16.55 15.63 4.01
N VAL E 93 16.74 16.05 2.77
CA VAL E 93 18.05 15.97 2.15
C VAL E 93 18.48 17.42 2.02
N LYS E 94 19.67 17.75 2.52
CA LYS E 94 20.13 19.12 2.42
C LYS E 94 21.01 19.29 1.20
N TRP E 95 20.99 20.50 0.65
CA TRP E 95 21.76 20.82 -0.55
C TRP E 95 23.26 20.73 -0.36
N ASP E 96 23.93 20.14 -1.34
CA ASP E 96 25.38 20.00 -1.31
C ASP E 96 25.93 20.45 -2.65
N ARG E 97 26.44 21.67 -2.71
CA ARG E 97 26.97 22.23 -3.96
C ARG E 97 27.75 21.25 -4.81
N ASP E 98 28.22 20.16 -4.22
CA ASP E 98 29.00 19.19 -4.98
C ASP E 98 28.28 17.93 -5.41
N MET E 99 26.95 17.99 -5.45
CA MET E 99 26.16 16.82 -5.86
C MET E 99 24.92 17.20 -6.67
N THR F 1 -1.35 16.59 -31.25
CA THR F 1 -2.83 16.59 -31.02
C THR F 1 -3.25 15.43 -30.13
N THR F 2 -3.96 15.76 -29.05
CA THR F 2 -4.42 14.75 -28.12
C THR F 2 -5.50 13.88 -28.78
N PRO F 3 -5.32 12.54 -28.75
CA PRO F 3 -6.28 11.59 -29.35
C PRO F 3 -7.58 11.40 -28.59
N GLU F 4 -8.46 10.56 -29.12
CA GLU F 4 -9.69 10.30 -28.47
C GLU F 4 -9.43 9.19 -27.50
N SER F 5 -10.50 8.81 -26.83
CA SER F 5 -10.41 7.78 -25.77
C SER F 5 -11.62 6.84 -25.76
N ALA F 6 -11.39 5.65 -25.23
CA ALA F 6 -12.42 4.67 -25.14
C ALA F 6 -12.49 4.32 -23.65
N ASN F 7 -13.43 3.48 -23.27
CA ASN F 7 -13.59 3.14 -21.88
C ASN F 7 -13.16 1.71 -21.71
N LEU F 8 -12.63 1.39 -20.53
CA LEU F 8 -12.18 0.06 -20.20
C LEU F 8 -13.36 -0.81 -19.80
#